data_8S0V
#
_entry.id   8S0V
#
_cell.length_a   73.136
_cell.length_b   116.697
_cell.length_c   142.882
_cell.angle_alpha   90.000
_cell.angle_beta   90.000
_cell.angle_gamma   90.000
#
_symmetry.space_group_name_H-M   'P 2 21 21'
#
loop_
_entity.id
_entity.type
_entity.pdbx_description
1 polymer 'Lysine--tRNA ligase'
2 non-polymer LYSINE
3 non-polymer ~{N}7-cyclopentyl-5,6,8-tris(fluoranyl)-2-methyl-quinazoline-4,7-diamine
4 non-polymer GLYCEROL
5 non-polymer 2-AMINO-2-HYDROXYMETHYL-PROPANE-1,3-DIOL
6 non-polymer 'SULFATE ION'
7 water water
#
_entity_poly.entity_id   1
_entity_poly.type   'polypeptide(L)'
_entity_poly.pdbx_seq_one_letter_code
;MGSSHHHHHHSSGENLYFQGHMHYTDNRYKMMECIKDAGRPFYPHKFKISMSLPAYALKYGNVENGYIDKDTTLSLSGRV
TSIRSSSSKLIFYDIFCEEQKVQIIANIMEHDISTGEFSVSHSEIRRGDVVGFTGFPGKSKRGELSLFSKSVVLLSPCYH
MLPTAISGLKDQEVRYRQRYLDLMLNEESRKVFKLRSRAIKYIRNYFDRLGFLEVETPMLNMIYGGAAARPFITYHNELE
TQLYMRIAPELYLKQLIVGGLDKVYELGKNFRNEGIDLTHNPEFTSVEFYMAYADYYDLMDLTEELISGLVLEIHGSLKI
PYHPDGPEGKCIEIDFTTPWKRFSFVEEIESGLGEKLKRPLDSQENIDFMVEMCEKHEIELPHPRTAAKLLDKLAGHFVE
TKCTNPSFIIDHPQTMSPLAKWHREKPEMTERFELFVLGKELCNAYTELNEPLQQRKFFEQQADAKASGDVEACPIDETF
CLALEHGLPPTGGWGLGIDRLIMFLADKNNIKEVLLFPAMRNVKQNAQHSNQHSGN
;
_entity_poly.pdbx_strand_id   A,B
#
loop_
_chem_comp.id
_chem_comp.type
_chem_comp.name
_chem_comp.formula
A1H4X non-polymer ~{N}7-cyclopentyl-5,6,8-tris(fluoranyl)-2-methyl-quinazoline-4,7-diamine 'C14 H15 F3 N4'
GOL non-polymer GLYCEROL 'C3 H8 O3'
SO4 non-polymer 'SULFATE ION' 'O4 S -2'
TRS non-polymer 2-AMINO-2-HYDROXYMETHYL-PROPANE-1,3-DIOL 'C4 H12 N O3 1'
#
# COMPACT_ATOMS: atom_id res chain seq x y z
N MET A 22 -2.26 -11.55 -38.44
CA MET A 22 -3.28 -10.53 -38.83
C MET A 22 -4.55 -11.27 -39.23
N HIS A 23 -4.35 -12.24 -40.14
CA HIS A 23 -5.41 -13.05 -40.73
C HIS A 23 -6.04 -13.88 -39.61
N TYR A 24 -5.19 -14.47 -38.75
CA TYR A 24 -5.69 -15.30 -37.66
C TYR A 24 -6.67 -14.51 -36.79
N THR A 25 -6.31 -13.27 -36.46
CA THR A 25 -7.12 -12.46 -35.57
C THR A 25 -8.45 -12.11 -36.25
N ASP A 26 -8.37 -11.59 -37.49
CA ASP A 26 -9.57 -11.24 -38.23
C ASP A 26 -10.52 -12.41 -38.37
N ASN A 27 -9.95 -13.58 -38.72
CA ASN A 27 -10.71 -14.80 -38.92
C ASN A 27 -11.39 -15.25 -37.63
N ARG A 28 -10.65 -15.16 -36.52
CA ARG A 28 -11.25 -15.58 -35.25
C ARG A 28 -12.45 -14.69 -34.95
N TYR A 29 -12.35 -13.38 -35.19
CA TYR A 29 -13.47 -12.48 -34.97
C TYR A 29 -14.67 -12.89 -35.80
N LYS A 30 -14.41 -13.27 -37.06
CA LYS A 30 -15.45 -13.73 -37.97
C LYS A 30 -16.07 -15.01 -37.43
N MET A 31 -15.22 -15.95 -36.98
CA MET A 31 -15.70 -17.23 -36.49
C MET A 31 -16.60 -17.02 -35.27
N MET A 32 -16.26 -16.04 -34.42
CA MET A 32 -17.05 -15.79 -33.24
C MET A 32 -18.39 -15.11 -33.58
N GLU A 33 -18.38 -14.21 -34.58
CA GLU A 33 -19.64 -13.63 -35.04
C GLU A 33 -20.55 -14.72 -35.60
N CYS A 34 -19.98 -15.68 -36.32
CA CYS A 34 -20.75 -16.80 -36.83
C CYS A 34 -21.38 -17.63 -35.73
N ILE A 35 -20.57 -18.03 -34.75
CA ILE A 35 -21.08 -18.70 -33.55
C ILE A 35 -22.25 -17.90 -33.00
N LYS A 36 -22.07 -16.59 -32.84
CA LYS A 36 -23.09 -15.75 -32.22
C LYS A 36 -24.38 -15.86 -33.03
N ASP A 37 -24.24 -15.78 -34.37
CA ASP A 37 -25.38 -15.69 -35.28
C ASP A 37 -26.03 -17.06 -35.45
N ALA A 38 -25.28 -18.12 -35.20
CA ALA A 38 -25.80 -19.48 -35.33
C ALA A 38 -26.51 -19.95 -34.05
N GLY A 39 -26.63 -19.07 -33.05
CA GLY A 39 -27.31 -19.42 -31.80
C GLY A 39 -26.48 -20.35 -30.91
N ARG A 40 -25.17 -20.40 -31.14
CA ARG A 40 -24.31 -21.29 -30.36
C ARG A 40 -23.79 -20.52 -29.15
N PRO A 41 -23.26 -21.19 -28.12
CA PRO A 41 -22.77 -20.51 -26.91
C PRO A 41 -21.74 -19.44 -27.23
N PHE A 42 -22.07 -18.21 -26.77
CA PHE A 42 -21.25 -17.04 -27.04
C PHE A 42 -20.93 -16.38 -25.70
N TYR A 43 -19.69 -16.58 -25.22
CA TYR A 43 -19.25 -15.95 -23.98
C TYR A 43 -20.20 -16.17 -22.83
N PRO A 44 -20.41 -17.46 -22.43
CA PRO A 44 -21.21 -17.77 -21.23
C PRO A 44 -20.81 -16.95 -20.01
N HIS A 45 -21.80 -16.47 -19.31
CA HIS A 45 -21.59 -15.65 -18.13
C HIS A 45 -20.96 -16.41 -16.97
N LYS A 46 -21.48 -17.60 -16.67
CA LYS A 46 -21.03 -18.36 -15.52
C LYS A 46 -20.77 -19.82 -15.93
N PHE A 47 -19.57 -20.32 -15.61
CA PHE A 47 -19.23 -21.73 -15.68
C PHE A 47 -18.92 -22.14 -14.23
N LYS A 48 -19.69 -23.09 -13.70
CA LYS A 48 -19.47 -23.59 -12.35
C LYS A 48 -18.51 -24.78 -12.35
N ILE A 49 -17.27 -24.57 -11.89
CA ILE A 49 -16.33 -25.66 -11.74
C ILE A 49 -16.68 -26.48 -10.49
N SER A 50 -16.37 -27.77 -10.57
CA SER A 50 -16.54 -28.70 -9.44
C SER A 50 -15.42 -28.51 -8.44
N MET A 51 -14.23 -28.15 -8.94
CA MET A 51 -13.03 -28.00 -8.17
C MET A 51 -11.97 -27.39 -9.07
N SER A 52 -10.93 -26.87 -8.45
CA SER A 52 -9.79 -26.31 -9.14
C SER A 52 -8.99 -27.46 -9.76
N LEU A 53 -8.10 -27.13 -10.70
CA LEU A 53 -7.22 -28.17 -11.27
C LEU A 53 -6.21 -28.67 -10.22
N PRO A 54 -5.62 -27.82 -9.34
CA PRO A 54 -4.81 -28.33 -8.24
C PRO A 54 -5.56 -29.31 -7.34
N ALA A 55 -6.82 -29.01 -7.03
CA ALA A 55 -7.65 -29.89 -6.21
C ALA A 55 -7.89 -31.20 -6.94
N TYR A 56 -8.13 -31.13 -8.25
CA TYR A 56 -8.39 -32.30 -9.06
C TYR A 56 -7.20 -33.24 -9.03
N ALA A 57 -6.00 -32.64 -9.14
CA ALA A 57 -4.76 -33.39 -9.13
C ALA A 57 -4.51 -34.03 -7.77
N LEU A 58 -4.80 -33.27 -6.70
CA LEU A 58 -4.61 -33.80 -5.36
C LEU A 58 -5.51 -35.00 -5.18
N LYS A 59 -6.75 -34.91 -5.68
CA LYS A 59 -7.73 -35.96 -5.49
C LYS A 59 -7.41 -37.21 -6.33
N TYR A 60 -7.07 -37.04 -7.62
CA TYR A 60 -7.03 -38.15 -8.56
C TYR A 60 -5.64 -38.50 -9.07
N GLY A 61 -4.64 -37.73 -8.71
CA GLY A 61 -3.29 -37.87 -9.25
C GLY A 61 -2.62 -39.23 -8.96
N ASN A 62 -3.12 -39.98 -7.95
CA ASN A 62 -2.50 -41.25 -7.57
C ASN A 62 -3.42 -42.44 -7.83
N VAL A 63 -4.51 -42.29 -8.58
CA VAL A 63 -5.30 -43.43 -9.00
C VAL A 63 -4.46 -44.31 -9.92
N GLU A 64 -4.92 -45.56 -10.07
CA GLU A 64 -4.29 -46.55 -10.96
C GLU A 64 -4.42 -46.12 -12.43
N ASN A 65 -3.45 -46.54 -13.24
CA ASN A 65 -3.56 -46.38 -14.67
C ASN A 65 -4.89 -46.96 -15.15
N GLY A 66 -5.59 -46.21 -16.01
CA GLY A 66 -6.84 -46.64 -16.57
C GLY A 66 -8.02 -46.48 -15.63
N TYR A 67 -7.82 -45.97 -14.42
CA TYR A 67 -8.94 -45.76 -13.51
C TYR A 67 -9.90 -44.71 -14.09
N ILE A 68 -11.20 -45.00 -13.98
CA ILE A 68 -12.23 -44.05 -14.34
C ILE A 68 -13.38 -44.23 -13.36
N ASP A 69 -13.90 -43.11 -12.84
CA ASP A 69 -15.10 -43.15 -12.05
C ASP A 69 -16.30 -42.65 -12.86
N LYS A 70 -17.04 -43.58 -13.45
CA LYS A 70 -18.22 -43.25 -14.24
C LYS A 70 -19.41 -42.86 -13.37
N ASP A 71 -19.26 -42.93 -12.04
CA ASP A 71 -20.33 -42.54 -11.15
C ASP A 71 -20.23 -41.09 -10.71
N THR A 72 -19.14 -40.40 -11.09
CA THR A 72 -18.90 -39.03 -10.68
C THR A 72 -18.77 -38.17 -11.93
N THR A 73 -19.59 -37.12 -12.04
CA THR A 73 -19.47 -36.14 -13.12
C THR A 73 -18.92 -34.85 -12.54
N LEU A 74 -17.87 -34.30 -13.19
CA LEU A 74 -17.20 -33.12 -12.69
C LEU A 74 -17.02 -32.14 -13.85
N SER A 75 -17.05 -30.84 -13.51
CA SER A 75 -16.78 -29.74 -14.42
C SER A 75 -15.41 -29.13 -14.09
N LEU A 76 -14.61 -28.84 -15.09
CA LEU A 76 -13.26 -28.30 -14.94
C LEU A 76 -13.13 -27.18 -15.96
N SER A 77 -12.12 -26.32 -15.78
CA SER A 77 -11.85 -25.27 -16.73
C SER A 77 -10.40 -24.84 -16.62
N GLY A 78 -9.88 -24.41 -17.75
CA GLY A 78 -8.57 -23.81 -17.85
C GLY A 78 -8.31 -23.32 -19.27
N ARG A 79 -7.09 -22.86 -19.52
CA ARG A 79 -6.68 -22.46 -20.85
C ARG A 79 -6.10 -23.68 -21.58
N VAL A 80 -6.51 -23.85 -22.83
CA VAL A 80 -6.05 -24.93 -23.70
C VAL A 80 -4.59 -24.68 -24.12
N THR A 81 -3.72 -25.63 -23.79
CA THR A 81 -2.32 -25.51 -24.14
C THR A 81 -1.98 -26.48 -25.28
N SER A 82 -2.86 -27.44 -25.56
CA SER A 82 -2.63 -28.44 -26.60
C SER A 82 -3.96 -28.99 -27.09
N ILE A 83 -4.06 -29.25 -28.41
CA ILE A 83 -5.19 -29.98 -29.00
C ILE A 83 -4.63 -31.00 -30.00
N ARG A 84 -5.00 -32.26 -29.85
CA ARG A 84 -4.54 -33.31 -30.76
C ARG A 84 -5.77 -34.15 -31.08
N SER A 85 -6.22 -34.18 -32.34
CA SER A 85 -7.26 -35.13 -32.71
C SER A 85 -6.52 -36.38 -33.18
N SER A 86 -6.59 -37.44 -32.40
CA SER A 86 -5.81 -38.62 -32.71
C SER A 86 -6.50 -39.51 -33.76
N SER A 87 -7.83 -39.45 -33.77
CA SER A 87 -8.68 -40.17 -34.72
C SER A 87 -9.93 -39.37 -35.00
N SER A 88 -10.76 -39.88 -35.91
CA SER A 88 -12.05 -39.25 -36.16
C SER A 88 -12.97 -39.32 -34.93
N LYS A 89 -12.62 -40.16 -33.95
CA LYS A 89 -13.48 -40.38 -32.81
C LYS A 89 -12.94 -39.80 -31.48
N LEU A 90 -11.75 -39.21 -31.45
CA LEU A 90 -11.04 -39.05 -30.19
C LEU A 90 -10.16 -37.81 -30.29
N ILE A 91 -10.36 -36.87 -29.34
CA ILE A 91 -9.56 -35.64 -29.30
C ILE A 91 -8.96 -35.57 -27.90
N PHE A 92 -7.68 -35.22 -27.81
CA PHE A 92 -6.98 -35.00 -26.56
C PHE A 92 -6.73 -33.51 -26.42
N TYR A 93 -7.09 -32.95 -25.24
CA TYR A 93 -6.67 -31.60 -24.92
C TYR A 93 -5.79 -31.61 -23.68
N ASP A 94 -4.89 -30.63 -23.61
CA ASP A 94 -4.34 -30.24 -22.31
C ASP A 94 -4.96 -28.90 -21.96
N ILE A 95 -5.35 -28.77 -20.68
CA ILE A 95 -5.75 -27.49 -20.11
C ILE A 95 -4.86 -27.18 -18.90
N PHE A 96 -4.61 -25.89 -18.70
CA PHE A 96 -3.80 -25.42 -17.59
C PHE A 96 -4.54 -24.36 -16.81
N CYS A 97 -4.42 -24.47 -15.48
CA CYS A 97 -5.04 -23.51 -14.58
C CYS A 97 -4.34 -23.63 -13.22
N GLU A 98 -4.01 -22.48 -12.63
CA GLU A 98 -3.52 -22.43 -11.25
C GLU A 98 -2.35 -23.42 -11.08
N GLU A 99 -1.42 -23.41 -12.06
CA GLU A 99 -0.15 -24.12 -12.04
C GLU A 99 -0.31 -25.63 -12.24
N GLN A 100 -1.49 -26.09 -12.66
CA GLN A 100 -1.71 -27.50 -12.87
C GLN A 100 -2.20 -27.75 -14.30
N LYS A 101 -1.66 -28.78 -14.93
CA LYS A 101 -2.11 -29.31 -16.22
C LYS A 101 -2.97 -30.55 -16.01
N VAL A 102 -4.09 -30.62 -16.73
CA VAL A 102 -4.95 -31.80 -16.77
C VAL A 102 -5.24 -32.13 -18.24
N GLN A 103 -5.19 -33.42 -18.60
CA GLN A 103 -5.56 -33.84 -19.93
C GLN A 103 -7.06 -34.10 -20.00
N ILE A 104 -7.65 -33.67 -21.11
CA ILE A 104 -9.05 -33.99 -21.43
C ILE A 104 -9.06 -35.02 -22.57
N ILE A 105 -9.84 -36.10 -22.40
CA ILE A 105 -9.98 -37.13 -23.42
C ILE A 105 -11.44 -37.11 -23.87
N ALA A 106 -11.67 -36.60 -25.09
CA ALA A 106 -13.02 -36.44 -25.64
C ALA A 106 -13.26 -37.50 -26.71
N ASN A 107 -14.14 -38.47 -26.37
CA ASN A 107 -14.46 -39.61 -27.21
C ASN A 107 -15.90 -39.39 -27.70
N ILE A 108 -16.09 -39.51 -29.02
CA ILE A 108 -17.35 -39.23 -29.67
C ILE A 108 -18.48 -40.06 -29.04
N MET A 109 -18.15 -41.20 -28.48
CA MET A 109 -19.18 -42.12 -27.93
C MET A 109 -19.74 -41.60 -26.59
N GLU A 110 -19.03 -40.69 -25.93
CA GLU A 110 -19.44 -40.12 -24.65
C GLU A 110 -20.06 -38.73 -24.83
N HIS A 111 -20.12 -38.22 -26.06
CA HIS A 111 -20.51 -36.82 -26.28
C HIS A 111 -21.99 -36.63 -26.01
N ASP A 112 -22.28 -35.60 -25.22
CA ASP A 112 -23.64 -35.17 -24.95
C ASP A 112 -24.17 -34.39 -26.14
N ILE A 113 -25.10 -35.01 -26.89
CA ILE A 113 -25.51 -34.45 -28.16
C ILE A 113 -26.46 -33.27 -27.95
N SER A 114 -26.96 -33.07 -26.72
CA SER A 114 -27.77 -31.90 -26.42
C SER A 114 -26.94 -30.62 -26.54
N THR A 115 -25.60 -30.74 -26.48
CA THR A 115 -24.74 -29.56 -26.59
C THR A 115 -24.33 -29.30 -28.03
N GLY A 116 -24.78 -30.16 -28.96
CA GLY A 116 -24.34 -30.06 -30.33
C GLY A 116 -23.74 -31.37 -30.82
N GLU A 117 -23.55 -31.48 -32.14
CA GLU A 117 -22.88 -32.64 -32.70
C GLU A 117 -21.40 -32.52 -32.30
N PHE A 118 -20.78 -33.65 -31.98
CA PHE A 118 -19.39 -33.68 -31.51
C PHE A 118 -18.46 -32.86 -32.39
N SER A 119 -18.43 -33.12 -33.70
CA SER A 119 -17.50 -32.38 -34.56
C SER A 119 -17.75 -30.87 -34.51
N VAL A 120 -19.01 -30.44 -34.48
CA VAL A 120 -19.37 -29.03 -34.41
C VAL A 120 -18.81 -28.40 -33.11
N SER A 121 -19.08 -29.06 -31.97
CA SER A 121 -18.68 -28.60 -30.65
C SER A 121 -17.16 -28.40 -30.61
N HIS A 122 -16.41 -29.36 -31.14
CA HIS A 122 -14.97 -29.34 -30.99
C HIS A 122 -14.37 -28.39 -32.02
N SER A 123 -15.03 -28.22 -33.18
CA SER A 123 -14.44 -27.42 -34.25
C SER A 123 -14.28 -25.95 -33.85
N GLU A 124 -14.97 -25.54 -32.79
CA GLU A 124 -14.96 -24.16 -32.33
C GLU A 124 -13.75 -23.82 -31.44
N ILE A 125 -12.99 -24.82 -31.01
CA ILE A 125 -11.94 -24.65 -30.01
C ILE A 125 -10.58 -24.55 -30.68
N ARG A 126 -9.77 -23.65 -30.16
CA ARG A 126 -8.40 -23.44 -30.61
C ARG A 126 -7.46 -23.40 -29.42
N ARG A 127 -6.21 -23.78 -29.66
CA ARG A 127 -5.14 -23.59 -28.71
C ARG A 127 -5.17 -22.13 -28.20
N GLY A 128 -5.08 -22.00 -26.88
CA GLY A 128 -5.13 -20.70 -26.20
C GLY A 128 -6.50 -20.31 -25.68
N ASP A 129 -7.56 -20.99 -26.11
CA ASP A 129 -8.89 -20.68 -25.62
C ASP A 129 -9.06 -21.04 -24.15
N VAL A 130 -9.85 -20.24 -23.43
CA VAL A 130 -10.35 -20.62 -22.12
C VAL A 130 -11.64 -21.42 -22.34
N VAL A 131 -11.63 -22.64 -21.82
CA VAL A 131 -12.72 -23.57 -22.06
C VAL A 131 -13.13 -24.27 -20.79
N GLY A 132 -14.39 -24.75 -20.80
CA GLY A 132 -14.85 -25.64 -19.74
C GLY A 132 -15.17 -27.03 -20.32
N PHE A 133 -15.04 -28.07 -19.48
CA PHE A 133 -15.38 -29.43 -19.87
C PHE A 133 -16.12 -30.11 -18.74
N THR A 134 -17.05 -31.01 -19.06
CA THR A 134 -17.63 -31.86 -18.03
C THR A 134 -17.35 -33.33 -18.38
N GLY A 135 -17.13 -34.17 -17.36
CA GLY A 135 -16.85 -35.55 -17.60
C GLY A 135 -16.61 -36.38 -16.33
N PHE A 136 -16.04 -37.55 -16.57
CA PHE A 136 -15.71 -38.50 -15.54
C PHE A 136 -14.22 -38.46 -15.22
N PRO A 137 -13.83 -38.56 -13.92
CA PRO A 137 -12.41 -38.42 -13.59
C PRO A 137 -11.64 -39.73 -13.70
N GLY A 138 -10.33 -39.61 -13.85
CA GLY A 138 -9.49 -40.78 -13.84
C GLY A 138 -8.12 -40.56 -14.47
N LYS A 139 -7.59 -41.67 -15.02
CA LYS A 139 -6.24 -41.67 -15.55
C LYS A 139 -6.26 -42.52 -16.81
N SER A 140 -5.60 -42.03 -17.86
CA SER A 140 -5.49 -42.81 -19.09
C SER A 140 -4.72 -44.11 -18.83
N LYS A 141 -4.77 -45.03 -19.79
CA LYS A 141 -4.02 -46.27 -19.71
C LYS A 141 -2.53 -45.97 -19.57
N ARG A 142 -2.06 -44.92 -20.26
CA ARG A 142 -0.66 -44.54 -20.22
C ARG A 142 -0.27 -43.79 -18.95
N GLY A 143 -1.24 -43.50 -18.06
CA GLY A 143 -0.94 -42.95 -16.75
C GLY A 143 -1.09 -41.43 -16.61
N GLU A 144 -1.73 -40.77 -17.58
CA GLU A 144 -1.95 -39.33 -17.53
C GLU A 144 -3.24 -39.00 -16.79
N LEU A 145 -3.12 -38.13 -15.80
CA LEU A 145 -4.29 -37.56 -15.12
C LEU A 145 -5.23 -36.95 -16.16
N SER A 146 -6.48 -37.41 -16.19
CA SER A 146 -7.39 -37.02 -17.25
C SER A 146 -8.81 -36.82 -16.74
N LEU A 147 -9.58 -36.09 -17.55
CA LEU A 147 -11.02 -36.09 -17.50
C LEU A 147 -11.51 -36.71 -18.79
N PHE A 148 -12.49 -37.62 -18.66
CA PHE A 148 -13.08 -38.26 -19.82
C PHE A 148 -14.38 -37.53 -20.08
N SER A 149 -14.33 -36.61 -21.05
CA SER A 149 -15.35 -35.60 -21.16
C SER A 149 -16.59 -36.05 -21.93
N LYS A 150 -17.69 -35.38 -21.63
CA LYS A 150 -18.95 -35.50 -22.36
C LYS A 150 -19.37 -34.19 -23.02
N SER A 151 -18.73 -33.05 -22.71
CA SER A 151 -19.11 -31.77 -23.28
C SER A 151 -17.89 -30.85 -23.22
N VAL A 152 -17.97 -29.80 -24.01
CA VAL A 152 -16.97 -28.74 -24.08
C VAL A 152 -17.74 -27.43 -24.28
N VAL A 153 -17.32 -26.38 -23.56
CA VAL A 153 -17.90 -25.05 -23.65
C VAL A 153 -16.77 -24.05 -23.90
N LEU A 154 -16.91 -23.29 -24.97
CA LEU A 154 -15.94 -22.21 -25.26
C LEU A 154 -16.30 -21.01 -24.38
N LEU A 155 -15.43 -20.65 -23.43
CA LEU A 155 -15.73 -19.59 -22.49
C LEU A 155 -15.21 -18.24 -22.96
N SER A 156 -13.95 -18.23 -23.38
CA SER A 156 -13.30 -17.00 -23.82
C SER A 156 -12.20 -17.36 -24.82
N PRO A 157 -12.41 -17.14 -26.15
CA PRO A 157 -11.42 -17.48 -27.17
C PRO A 157 -10.21 -16.56 -27.14
N CYS A 158 -9.10 -17.10 -27.57
CA CYS A 158 -7.89 -16.33 -27.83
C CYS A 158 -7.86 -16.01 -29.32
N TYR A 159 -7.67 -14.73 -29.66
CA TYR A 159 -7.73 -14.25 -31.03
C TYR A 159 -6.33 -14.12 -31.67
N HIS A 160 -5.30 -14.61 -30.97
CA HIS A 160 -3.93 -14.52 -31.42
C HIS A 160 -3.28 -15.89 -31.34
N MET A 161 -2.39 -16.18 -32.30
CA MET A 161 -1.62 -17.40 -32.26
C MET A 161 -0.52 -17.23 -31.22
N LEU A 162 -0.55 -18.02 -30.16
CA LEU A 162 0.34 -17.76 -29.05
C LEU A 162 1.71 -18.35 -29.30
N PRO A 163 2.80 -17.60 -29.01
CA PRO A 163 4.13 -18.17 -28.95
C PRO A 163 4.08 -19.32 -27.94
N THR A 164 4.85 -20.36 -28.23
CA THR A 164 4.77 -21.61 -27.49
C THR A 164 5.51 -21.47 -26.15
N ALA A 165 6.48 -20.55 -26.08
CA ALA A 165 7.23 -20.23 -24.88
C ALA A 165 7.94 -18.89 -25.12
N ILE A 166 8.47 -18.29 -24.05
CA ILE A 166 8.98 -16.93 -24.11
C ILE A 166 9.96 -16.81 -25.30
N ASP A 171 11.08 -9.09 -30.06
CA ASP A 171 11.78 -8.34 -28.98
C ASP A 171 11.26 -8.80 -27.61
N GLN A 172 12.19 -8.96 -26.65
CA GLN A 172 11.86 -9.52 -25.35
C GLN A 172 11.25 -8.43 -24.46
N GLU A 173 11.01 -7.21 -25.03
CA GLU A 173 10.22 -6.18 -24.37
C GLU A 173 8.75 -6.63 -24.26
N VAL A 174 8.34 -7.61 -25.05
CA VAL A 174 6.98 -8.12 -24.95
C VAL A 174 6.70 -8.62 -23.54
N ARG A 175 7.70 -9.22 -22.86
CA ARG A 175 7.50 -9.80 -21.53
C ARG A 175 7.00 -8.71 -20.59
N TYR A 176 7.42 -7.45 -20.80
CA TYR A 176 7.08 -6.38 -19.88
C TYR A 176 5.90 -5.54 -20.35
N ARG A 177 5.73 -5.39 -21.69
CA ARG A 177 4.69 -4.54 -22.22
C ARG A 177 3.41 -5.36 -22.36
N GLN A 178 3.55 -6.69 -22.37
CA GLN A 178 2.37 -7.57 -22.39
C GLN A 178 2.60 -8.65 -21.35
N ARG A 179 2.57 -8.26 -20.09
CA ARG A 179 3.04 -9.14 -19.03
C ARG A 179 2.12 -10.36 -18.92
N TYR A 180 0.88 -10.22 -19.35
CA TYR A 180 0.00 -11.38 -19.31
C TYR A 180 0.57 -12.55 -20.16
N LEU A 181 1.28 -12.23 -21.26
CA LEU A 181 1.87 -13.31 -22.09
C LEU A 181 2.98 -14.01 -21.30
N ASP A 182 3.82 -13.21 -20.66
CA ASP A 182 4.86 -13.74 -19.80
C ASP A 182 4.27 -14.67 -18.74
N LEU A 183 3.26 -14.20 -18.03
CA LEU A 183 2.63 -14.99 -16.99
C LEU A 183 1.99 -16.26 -17.55
N MET A 184 1.41 -16.20 -18.75
CA MET A 184 0.74 -17.34 -19.35
C MET A 184 1.76 -18.45 -19.67
N LEU A 185 2.99 -18.06 -20.03
CA LEU A 185 3.96 -18.95 -20.65
C LEU A 185 5.08 -19.34 -19.69
N ASN A 186 5.33 -18.59 -18.60
CA ASN A 186 6.59 -18.69 -17.88
C ASN A 186 6.40 -18.93 -16.38
N GLU A 187 6.56 -20.18 -15.97
CA GLU A 187 6.41 -20.55 -14.58
C GLU A 187 7.37 -19.77 -13.68
N GLU A 188 8.60 -19.53 -14.18
CA GLU A 188 9.60 -18.83 -13.39
C GLU A 188 9.13 -17.44 -13.01
N SER A 189 8.48 -16.75 -13.96
CA SER A 189 7.99 -15.41 -13.72
C SER A 189 6.85 -15.43 -12.70
N ARG A 190 5.92 -16.37 -12.83
CA ARG A 190 4.86 -16.52 -11.85
C ARG A 190 5.39 -16.79 -10.44
N LYS A 191 6.46 -17.57 -10.31
CA LYS A 191 7.06 -17.80 -8.99
C LYS A 191 7.66 -16.54 -8.37
N VAL A 192 8.24 -15.65 -9.20
CA VAL A 192 8.74 -14.40 -8.64
C VAL A 192 7.66 -13.61 -7.93
N PHE A 193 6.44 -13.52 -8.51
CA PHE A 193 5.41 -12.68 -7.89
C PHE A 193 4.80 -13.33 -6.64
N LYS A 194 4.88 -14.67 -6.54
CA LYS A 194 4.51 -15.38 -5.33
C LYS A 194 5.52 -15.16 -4.22
N LEU A 195 6.82 -15.15 -4.61
CA LEU A 195 7.89 -14.89 -3.66
C LEU A 195 7.76 -13.46 -3.13
N ARG A 196 7.48 -12.52 -4.03
CA ARG A 196 7.28 -11.14 -3.62
C ARG A 196 6.25 -11.00 -2.51
N SER A 197 5.06 -11.61 -2.68
CA SER A 197 4.05 -11.55 -1.67
C SER A 197 4.47 -12.23 -0.35
N ARG A 198 5.13 -13.37 -0.44
CA ARG A 198 5.65 -14.05 0.74
C ARG A 198 6.60 -13.15 1.50
N ALA A 199 7.48 -12.44 0.78
CA ALA A 199 8.43 -11.58 1.45
C ALA A 199 7.74 -10.39 2.14
N ILE A 200 6.79 -9.78 1.44
CA ILE A 200 6.04 -8.67 2.01
C ILE A 200 5.27 -9.14 3.25
N LYS A 201 4.58 -10.29 3.18
CA LYS A 201 3.89 -10.81 4.33
C LYS A 201 4.83 -11.08 5.50
N TYR A 202 6.03 -11.56 5.23
CA TYR A 202 7.03 -11.83 6.26
C TYR A 202 7.43 -10.53 6.96
N ILE A 203 7.62 -9.47 6.17
CA ILE A 203 8.02 -8.21 6.73
C ILE A 203 6.91 -7.61 7.57
N ARG A 204 5.64 -7.61 7.08
CA ARG A 204 4.57 -7.05 7.90
C ARG A 204 4.47 -7.86 9.22
N ASN A 205 4.57 -9.17 9.12
CA ASN A 205 4.47 -10.03 10.27
C ASN A 205 5.56 -9.76 11.30
N TYR A 206 6.77 -9.42 10.83
CA TYR A 206 7.87 -9.14 11.73
C TYR A 206 7.53 -7.94 12.59
N PHE A 207 7.09 -6.82 11.96
CA PHE A 207 6.74 -5.62 12.71
C PHE A 207 5.48 -5.82 13.52
N ASP A 208 4.48 -6.49 12.95
CA ASP A 208 3.24 -6.71 13.68
C ASP A 208 3.52 -7.40 15.02
N ARG A 209 4.35 -8.44 14.98
CA ARG A 209 4.61 -9.24 16.18
C ARG A 209 5.42 -8.46 17.20
N LEU A 210 6.21 -7.47 16.78
CA LEU A 210 6.94 -6.61 17.66
C LEU A 210 6.07 -5.49 18.26
N GLY A 211 4.77 -5.43 17.94
CA GLY A 211 3.89 -4.43 18.48
C GLY A 211 3.92 -3.09 17.72
N PHE A 212 4.35 -3.09 16.47
CA PHE A 212 4.29 -1.87 15.66
C PHE A 212 2.86 -1.70 15.15
N LEU A 213 2.42 -0.45 15.04
CA LEU A 213 1.15 -0.14 14.39
C LEU A 213 1.39 0.15 12.92
N GLU A 214 0.67 -0.54 12.04
CA GLU A 214 0.73 -0.27 10.62
C GLU A 214 -0.10 0.98 10.34
N VAL A 215 0.52 1.97 9.68
CA VAL A 215 -0.19 3.19 9.31
C VAL A 215 -0.06 3.51 7.82
N GLU A 216 -0.92 4.46 7.40
CA GLU A 216 -0.89 5.05 6.07
C GLU A 216 -0.89 6.57 6.13
N THR A 217 0.15 7.15 5.50
CA THR A 217 0.32 8.59 5.47
C THR A 217 0.28 9.07 4.02
N PRO A 218 0.06 10.39 3.79
CA PRO A 218 -0.30 10.82 2.44
C PRO A 218 0.75 10.60 1.37
N MET A 219 0.30 10.13 0.19
CA MET A 219 1.16 10.09 -0.96
C MET A 219 1.17 11.43 -1.71
N LEU A 220 0.19 12.29 -1.42
CA LEU A 220 0.08 13.62 -2.01
C LEU A 220 0.40 14.64 -0.93
N ASN A 221 1.47 15.43 -1.14
CA ASN A 221 2.07 16.24 -0.12
C ASN A 221 2.04 17.69 -0.66
N MET A 222 1.66 18.72 0.13
CA MET A 222 1.86 20.08 -0.33
C MET A 222 3.35 20.43 -0.32
N ILE A 223 4.14 19.76 0.52
CA ILE A 223 5.61 19.97 0.59
C ILE A 223 6.32 18.60 0.67
N TYR A 224 7.15 18.26 -0.31
CA TYR A 224 7.79 16.96 -0.32
C TYR A 224 9.03 17.01 0.58
N GLY A 225 9.46 15.85 1.03
CA GLY A 225 10.63 15.76 1.89
C GLY A 225 10.95 14.33 2.24
N GLY A 226 12.07 14.19 2.93
CA GLY A 226 12.41 12.94 3.59
C GLY A 226 13.34 12.02 2.80
N ALA A 227 13.84 12.46 1.64
CA ALA A 227 14.77 11.68 0.82
C ALA A 227 15.55 12.64 -0.06
N ALA A 228 16.60 12.11 -0.66
CA ALA A 228 17.36 12.82 -1.66
C ALA A 228 16.85 12.39 -3.02
N ALA A 229 15.85 13.12 -3.53
CA ALA A 229 15.09 12.67 -4.66
C ALA A 229 14.30 13.82 -5.27
N ARG A 230 14.16 13.72 -6.59
CA ARG A 230 13.34 14.61 -7.39
C ARG A 230 11.91 14.07 -7.42
N PRO A 231 10.93 14.89 -7.07
CA PRO A 231 9.52 14.43 -7.08
C PRO A 231 8.74 14.69 -8.35
N PHE A 232 7.64 13.92 -8.45
CA PHE A 232 6.58 14.26 -9.40
C PHE A 232 5.72 15.37 -8.84
N ILE A 233 5.25 16.24 -9.75
CA ILE A 233 4.46 17.42 -9.32
C ILE A 233 3.12 17.31 -10.07
N THR A 234 2.07 17.56 -9.33
CA THR A 234 0.70 17.58 -9.86
C THR A 234 -0.02 18.79 -9.27
N TYR A 235 -1.36 18.86 -9.48
CA TYR A 235 -2.13 20.02 -9.10
C TYR A 235 -3.54 19.59 -8.69
N HIS A 236 -4.06 20.15 -7.60
CA HIS A 236 -5.43 19.86 -7.19
C HIS A 236 -6.26 21.09 -7.52
N ASN A 237 -7.25 20.91 -8.43
CA ASN A 237 -7.98 22.07 -8.95
C ASN A 237 -8.78 22.76 -7.85
N GLU A 238 -9.59 22.00 -7.08
CA GLU A 238 -10.48 22.62 -6.12
C GLU A 238 -9.75 23.22 -4.93
N LEU A 239 -8.62 22.65 -4.51
CA LEU A 239 -7.86 23.16 -3.39
C LEU A 239 -6.88 24.24 -3.87
N GLU A 240 -6.75 24.41 -5.19
CA GLU A 240 -5.92 25.43 -5.80
C GLU A 240 -4.51 25.36 -5.27
N THR A 241 -3.89 24.19 -5.36
CA THR A 241 -2.53 24.02 -4.86
C THR A 241 -1.83 22.98 -5.73
N GLN A 242 -0.52 23.15 -5.93
CA GLN A 242 0.32 22.04 -6.34
C GLN A 242 0.39 20.99 -5.23
N LEU A 243 0.59 19.74 -5.63
CA LEU A 243 0.87 18.66 -4.72
C LEU A 243 2.05 17.89 -5.31
N TYR A 244 2.83 17.28 -4.42
CA TYR A 244 3.91 16.43 -4.86
C TYR A 244 3.61 15.01 -4.48
N MET A 245 4.00 14.08 -5.36
CA MET A 245 3.95 12.68 -4.96
C MET A 245 5.10 12.40 -4.00
N ARG A 246 4.82 11.67 -2.95
CA ARG A 246 5.81 11.56 -1.87
C ARG A 246 7.06 10.84 -2.36
N ILE A 247 8.23 11.35 -1.86
CA ILE A 247 9.46 10.64 -2.05
C ILE A 247 9.75 9.74 -0.84
N ALA A 248 9.13 10.03 0.31
CA ALA A 248 9.21 9.19 1.50
C ALA A 248 8.15 9.60 2.52
N PRO A 249 7.71 8.65 3.38
CA PRO A 249 6.76 8.98 4.44
C PRO A 249 7.35 9.50 5.74
N GLU A 250 8.71 9.66 5.77
CA GLU A 250 9.44 9.95 6.99
C GLU A 250 8.88 11.09 7.83
N LEU A 251 8.60 12.24 7.21
CA LEU A 251 8.22 13.40 8.01
C LEU A 251 6.83 13.21 8.64
N TYR A 252 5.93 12.52 7.99
CA TYR A 252 4.67 12.20 8.64
C TYR A 252 4.85 11.16 9.76
N LEU A 253 5.58 10.08 9.48
CA LEU A 253 5.82 9.05 10.46
C LEU A 253 6.39 9.62 11.77
N LYS A 254 7.40 10.51 11.68
CA LYS A 254 7.95 11.04 12.90
C LYS A 254 6.92 11.85 13.69
N GLN A 255 5.93 12.46 13.01
CA GLN A 255 4.89 13.15 13.74
C GLN A 255 4.02 12.18 14.54
N LEU A 256 3.93 10.94 14.10
CA LEU A 256 3.21 9.93 14.86
C LEU A 256 3.94 9.55 16.16
N ILE A 257 5.26 9.68 16.19
CA ILE A 257 6.06 9.37 17.35
C ILE A 257 5.93 10.55 18.32
N VAL A 258 5.89 11.79 17.81
CA VAL A 258 5.51 12.92 18.65
C VAL A 258 4.16 12.63 19.30
N GLY A 259 3.25 12.10 18.50
CA GLY A 259 1.91 11.75 18.89
C GLY A 259 1.82 10.65 19.92
N GLY A 260 2.93 9.95 20.24
CA GLY A 260 2.95 8.95 21.29
C GLY A 260 2.64 7.52 20.81
N LEU A 261 2.59 7.27 19.50
CA LEU A 261 2.29 5.92 19.05
C LEU A 261 3.44 4.91 19.20
N ASP A 262 4.68 5.41 19.41
CA ASP A 262 5.82 4.70 19.97
C ASP A 262 6.54 3.82 18.92
N LYS A 263 5.78 3.03 18.19
CA LYS A 263 6.27 2.11 17.15
C LYS A 263 5.28 2.10 15.99
N VAL A 264 5.68 2.69 14.86
CA VAL A 264 4.87 2.71 13.65
C VAL A 264 5.69 2.15 12.48
N TYR A 265 5.01 1.58 11.52
CA TYR A 265 5.59 1.30 10.22
C TYR A 265 4.59 1.58 9.12
N GLU A 266 5.14 1.68 7.90
CA GLU A 266 4.37 1.97 6.72
C GLU A 266 5.05 1.25 5.57
N LEU A 267 4.28 0.43 4.89
CA LEU A 267 4.82 -0.36 3.78
C LEU A 267 3.98 -0.02 2.56
N GLY A 268 4.58 0.67 1.60
CA GLY A 268 3.88 1.00 0.36
C GLY A 268 4.74 1.79 -0.59
N LYS A 269 4.10 2.48 -1.54
CA LYS A 269 4.78 3.07 -2.66
C LYS A 269 5.41 4.41 -2.34
N ASN A 270 6.59 4.62 -2.95
CA ASN A 270 7.24 5.91 -3.02
C ASN A 270 7.62 6.18 -4.47
N PHE A 271 7.89 7.48 -4.81
CA PHE A 271 7.96 7.87 -6.21
C PHE A 271 9.23 8.69 -6.46
N ARG A 272 9.72 8.54 -7.68
CA ARG A 272 10.93 9.27 -8.11
C ARG A 272 10.79 9.68 -9.55
N ASN A 273 10.82 11.00 -9.78
CA ASN A 273 10.85 11.60 -11.11
C ASN A 273 12.30 11.68 -11.54
N GLU A 274 12.78 10.50 -11.97
CA GLU A 274 14.20 10.30 -12.23
C GLU A 274 14.31 9.27 -13.34
N GLY A 275 15.53 9.05 -13.76
CA GLY A 275 15.79 8.04 -14.77
C GLY A 275 15.59 6.62 -14.26
N ILE A 276 15.55 5.68 -15.19
CA ILE A 276 15.33 4.28 -14.88
C ILE A 276 16.56 3.48 -15.27
N ASP A 277 16.83 2.41 -14.52
CA ASP A 277 17.93 1.50 -14.79
C ASP A 277 17.67 0.18 -14.09
N LEU A 278 18.66 -0.71 -14.03
CA LEU A 278 18.44 -2.06 -13.54
C LEU A 278 17.99 -2.09 -12.08
N THR A 279 18.20 -1.02 -11.32
CA THR A 279 17.79 -0.98 -9.90
C THR A 279 16.91 0.22 -9.58
N HIS A 280 16.38 0.95 -10.59
CA HIS A 280 15.57 2.13 -10.32
C HIS A 280 14.35 2.18 -11.24
N ASN A 281 13.17 2.25 -10.61
CA ASN A 281 11.90 2.41 -11.28
C ASN A 281 11.26 3.67 -10.72
N PRO A 282 10.32 4.33 -11.42
CA PRO A 282 9.74 5.57 -10.91
C PRO A 282 8.82 5.45 -9.73
N GLU A 283 8.27 4.24 -9.53
CA GLU A 283 7.60 3.91 -8.29
C GLU A 283 8.21 2.61 -7.78
N PHE A 284 8.35 2.50 -6.46
CA PHE A 284 8.91 1.34 -5.81
C PHE A 284 8.24 1.16 -4.45
N THR A 285 8.33 -0.06 -3.89
CA THR A 285 7.77 -0.35 -2.60
C THR A 285 8.87 -0.31 -1.53
N SER A 286 8.62 0.49 -0.47
CA SER A 286 9.51 0.50 0.68
C SER A 286 8.74 0.28 1.97
N VAL A 287 9.45 -0.18 2.99
CA VAL A 287 8.90 -0.16 4.32
C VAL A 287 9.76 0.79 5.13
N GLU A 288 9.12 1.74 5.86
CA GLU A 288 9.83 2.54 6.82
C GLU A 288 9.20 2.32 8.20
N PHE A 289 10.07 2.27 9.20
CA PHE A 289 9.56 2.27 10.57
C PHE A 289 10.29 3.32 11.40
N TYR A 290 9.57 3.74 12.46
CA TYR A 290 10.01 4.68 13.48
C TYR A 290 9.74 4.05 14.84
N MET A 291 10.79 3.97 15.66
CA MET A 291 10.75 3.34 16.97
C MET A 291 11.30 4.26 18.05
N ALA A 292 10.41 4.73 18.94
CA ALA A 292 10.86 5.49 20.09
C ALA A 292 11.88 4.70 20.91
N TYR A 293 12.95 5.41 21.27
CA TYR A 293 13.95 5.00 22.24
C TYR A 293 15.03 4.12 21.59
N ALA A 294 14.96 3.89 20.26
CA ALA A 294 16.00 3.20 19.54
C ALA A 294 17.04 4.22 19.05
N ASP A 295 18.29 3.80 18.98
CA ASP A 295 19.31 4.55 18.25
C ASP A 295 19.82 3.70 17.06
N TYR A 296 20.74 4.25 16.28
CA TYR A 296 21.12 3.58 15.02
C TYR A 296 21.83 2.26 15.31
N TYR A 297 22.48 2.06 16.48
CA TYR A 297 23.08 0.78 16.81
C TYR A 297 22.00 -0.30 16.93
N ASP A 298 20.92 0.06 17.58
CA ASP A 298 19.72 -0.81 17.70
C ASP A 298 19.21 -1.14 16.29
N LEU A 299 19.13 -0.13 15.42
CA LEU A 299 18.62 -0.31 14.08
C LEU A 299 19.48 -1.29 13.29
N MET A 300 20.84 -1.21 13.43
CA MET A 300 21.72 -2.13 12.71
C MET A 300 21.38 -3.58 13.11
N ASP A 301 21.21 -3.81 14.41
CA ASP A 301 20.88 -5.12 14.95
C ASP A 301 19.53 -5.62 14.42
N LEU A 302 18.54 -4.73 14.36
CA LEU A 302 17.23 -5.12 13.86
C LEU A 302 17.35 -5.47 12.36
N THR A 303 18.15 -4.69 11.61
CA THR A 303 18.30 -4.89 10.18
C THR A 303 18.86 -6.31 9.94
N GLU A 304 19.94 -6.64 10.66
CA GLU A 304 20.57 -7.95 10.55
C GLU A 304 19.54 -9.05 10.83
N GLU A 305 18.81 -8.90 11.91
CA GLU A 305 17.82 -9.87 12.37
C GLU A 305 16.72 -10.09 11.34
N LEU A 306 16.17 -8.99 10.83
CA LEU A 306 15.06 -9.06 9.92
C LEU A 306 15.50 -9.69 8.59
N ILE A 307 16.62 -9.18 8.03
CA ILE A 307 16.98 -9.60 6.68
C ILE A 307 17.59 -11.00 6.73
N SER A 308 18.43 -11.33 7.72
CA SER A 308 18.95 -12.68 7.82
C SER A 308 17.77 -13.67 8.01
N GLY A 309 16.77 -13.30 8.80
CA GLY A 309 15.57 -14.09 9.02
C GLY A 309 14.84 -14.41 7.71
N LEU A 310 14.66 -13.38 6.88
CA LEU A 310 13.93 -13.51 5.64
C LEU A 310 14.74 -14.37 4.65
N VAL A 311 16.07 -14.12 4.59
CA VAL A 311 16.90 -14.96 3.76
C VAL A 311 16.80 -16.43 4.18
N LEU A 312 16.86 -16.72 5.47
CA LEU A 312 16.78 -18.09 5.96
C LEU A 312 15.42 -18.71 5.62
N GLU A 313 14.36 -17.92 5.75
CA GLU A 313 13.01 -18.38 5.48
C GLU A 313 12.91 -18.85 4.04
N ILE A 314 13.51 -18.11 3.11
CA ILE A 314 13.35 -18.42 1.69
C ILE A 314 14.35 -19.50 1.26
N HIS A 315 15.60 -19.44 1.74
CA HIS A 315 16.69 -20.22 1.18
C HIS A 315 17.17 -21.36 2.08
N GLY A 316 16.88 -21.31 3.39
CA GLY A 316 17.26 -22.35 4.35
C GLY A 316 18.70 -22.27 4.85
N SER A 317 19.39 -21.18 4.50
CA SER A 317 20.70 -20.86 5.04
C SER A 317 20.98 -19.41 4.70
N LEU A 318 22.15 -18.92 5.10
CA LEU A 318 22.45 -17.50 4.95
C LEU A 318 23.41 -17.23 3.80
N LYS A 319 23.80 -18.29 3.05
CA LYS A 319 24.70 -18.15 1.91
C LYS A 319 23.91 -18.54 0.67
N ILE A 320 23.70 -17.57 -0.23
CA ILE A 320 22.72 -17.74 -1.30
C ILE A 320 23.36 -17.41 -2.65
N PRO A 321 22.84 -18.03 -3.74
CA PRO A 321 23.37 -17.81 -5.08
C PRO A 321 22.87 -16.50 -5.67
N TYR A 322 23.73 -15.88 -6.46
CA TYR A 322 23.31 -14.75 -7.25
C TYR A 322 24.05 -14.78 -8.60
N HIS A 323 23.33 -14.35 -9.63
CA HIS A 323 23.83 -14.26 -10.99
C HIS A 323 23.87 -12.78 -11.39
N PRO A 324 25.00 -12.10 -11.15
CA PRO A 324 25.03 -10.65 -11.35
C PRO A 324 24.85 -10.24 -12.81
N ASP A 325 25.17 -11.17 -13.71
CA ASP A 325 25.16 -10.88 -15.13
C ASP A 325 24.08 -11.69 -15.82
N GLY A 326 23.04 -12.08 -15.10
CA GLY A 326 21.99 -12.89 -15.69
C GLY A 326 22.27 -14.39 -15.70
N PRO A 327 21.26 -15.21 -16.06
CA PRO A 327 21.25 -16.63 -15.77
C PRO A 327 22.26 -17.42 -16.61
N GLU A 328 22.75 -16.80 -17.68
CA GLU A 328 23.77 -17.43 -18.50
C GLU A 328 25.17 -17.01 -18.06
N GLY A 329 25.29 -16.13 -17.06
CA GLY A 329 26.58 -15.66 -16.57
C GLY A 329 27.03 -16.44 -15.32
N LYS A 330 28.08 -15.95 -14.66
CA LYS A 330 28.61 -16.60 -13.47
C LYS A 330 27.61 -16.59 -12.31
N CYS A 331 27.80 -17.55 -11.40
CA CYS A 331 27.07 -17.61 -10.14
C CYS A 331 28.05 -17.33 -9.01
N ILE A 332 27.73 -16.31 -8.20
CA ILE A 332 28.47 -15.99 -7.01
C ILE A 332 27.65 -16.42 -5.78
N GLU A 333 28.30 -16.32 -4.62
CA GLU A 333 27.64 -16.54 -3.36
C GLU A 333 27.62 -15.27 -2.51
N ILE A 334 26.44 -14.87 -2.08
CA ILE A 334 26.27 -13.77 -1.11
C ILE A 334 26.08 -14.31 0.29
N ASP A 335 26.91 -13.81 1.22
CA ASP A 335 26.95 -14.33 2.57
C ASP A 335 26.32 -13.32 3.55
N PHE A 336 25.13 -13.68 4.06
CA PHE A 336 24.39 -12.85 5.02
C PHE A 336 24.66 -13.24 6.47
N THR A 337 25.70 -14.04 6.75
CA THR A 337 26.07 -14.32 8.13
C THR A 337 26.31 -12.99 8.87
N THR A 338 25.76 -12.90 10.08
CA THR A 338 25.83 -11.69 10.89
C THR A 338 26.89 -11.88 11.96
N PRO A 339 27.49 -10.79 12.53
CA PRO A 339 27.27 -9.41 12.09
C PRO A 339 27.97 -9.07 10.77
N TRP A 340 27.48 -8.03 10.12
CA TRP A 340 27.99 -7.56 8.85
C TRP A 340 29.10 -6.55 9.04
N LYS A 341 29.93 -6.43 8.04
CA LYS A 341 30.98 -5.42 7.99
C LYS A 341 30.41 -4.02 8.10
N ARG A 342 31.10 -3.18 8.89
CA ARG A 342 30.88 -1.75 8.90
C ARG A 342 32.05 -1.07 8.22
N PHE A 343 31.73 -0.10 7.35
CA PHE A 343 32.70 0.81 6.82
C PHE A 343 32.36 2.23 7.23
N SER A 344 33.33 2.96 7.78
CA SER A 344 33.08 4.35 8.17
C SER A 344 33.26 5.25 6.95
N PHE A 345 32.25 6.05 6.66
CA PHE A 345 32.18 6.80 5.42
C PHE A 345 33.48 7.58 5.11
N VAL A 346 33.81 8.51 5.99
CA VAL A 346 34.95 9.42 5.74
C VAL A 346 36.26 8.62 5.72
N GLU A 347 36.45 7.72 6.70
CA GLU A 347 37.71 7.01 6.83
C GLU A 347 37.99 6.17 5.58
N GLU A 348 36.94 5.55 5.01
CA GLU A 348 37.14 4.71 3.84
C GLU A 348 37.42 5.52 2.58
N ILE A 349 36.80 6.70 2.45
CA ILE A 349 37.19 7.61 1.39
C ILE A 349 38.67 7.98 1.53
N GLU A 350 39.08 8.35 2.74
CA GLU A 350 40.46 8.81 3.01
C GLU A 350 41.48 7.69 2.72
N SER A 351 41.10 6.45 3.03
CA SER A 351 41.92 5.28 2.72
C SER A 351 42.05 5.16 1.21
N GLY A 352 40.99 5.44 0.46
CA GLY A 352 40.99 5.36 -0.98
C GLY A 352 41.88 6.45 -1.59
N LEU A 353 41.82 7.65 -1.02
CA LEU A 353 42.52 8.82 -1.51
C LEU A 353 44.00 8.75 -1.13
N GLY A 354 44.32 8.04 -0.06
CA GLY A 354 45.66 8.12 0.52
C GLY A 354 45.93 9.38 1.33
N GLU A 355 44.91 10.20 1.60
CA GLU A 355 45.07 11.43 2.36
C GLU A 355 43.72 11.86 2.87
N LYS A 356 43.76 12.79 3.82
CA LYS A 356 42.59 13.28 4.51
C LYS A 356 41.80 14.32 3.72
N LEU A 357 40.47 14.20 3.81
CA LEU A 357 39.62 15.32 3.44
C LEU A 357 39.92 16.55 4.30
N LYS A 358 39.64 17.73 3.75
CA LYS A 358 39.80 18.98 4.48
C LYS A 358 38.63 19.21 5.41
N ARG A 359 38.94 19.88 6.54
CA ARG A 359 37.95 20.15 7.55
C ARG A 359 37.79 21.65 7.73
N PRO A 360 36.57 22.19 7.93
CA PRO A 360 35.32 21.41 7.91
C PRO A 360 35.01 20.82 6.51
N LEU A 361 34.17 19.77 6.50
CA LEU A 361 33.92 19.06 5.27
C LEU A 361 33.08 19.88 4.29
N ASP A 362 32.36 20.89 4.78
CA ASP A 362 31.54 21.74 3.94
C ASP A 362 32.24 23.07 3.62
N SER A 363 33.53 23.16 3.96
CA SER A 363 34.26 24.37 3.60
C SER A 363 34.50 24.43 2.10
N GLN A 364 34.76 25.67 1.61
CA GLN A 364 35.18 25.79 0.23
C GLN A 364 36.49 25.07 -0.02
N GLU A 365 37.40 25.07 0.98
CA GLU A 365 38.66 24.35 0.82
C GLU A 365 38.42 22.86 0.56
N ASN A 366 37.44 22.27 1.29
CA ASN A 366 37.18 20.85 1.07
C ASN A 366 36.43 20.60 -0.25
N ILE A 367 35.50 21.49 -0.62
CA ILE A 367 34.87 21.40 -1.93
C ILE A 367 35.87 21.40 -3.05
N ASP A 368 36.83 22.34 -3.02
CA ASP A 368 37.83 22.42 -4.04
C ASP A 368 38.70 21.16 -4.07
N PHE A 369 39.12 20.68 -2.89
CA PHE A 369 39.91 19.45 -2.78
C PHE A 369 39.14 18.27 -3.38
N MET A 370 37.83 18.17 -3.09
CA MET A 370 37.06 17.06 -3.58
C MET A 370 36.86 17.12 -5.10
N VAL A 371 36.72 18.33 -5.65
CA VAL A 371 36.68 18.46 -7.10
C VAL A 371 38.00 18.04 -7.72
N GLU A 372 39.11 18.52 -7.14
CA GLU A 372 40.42 18.08 -7.58
C GLU A 372 40.58 16.56 -7.57
N MET A 373 40.10 15.93 -6.48
CA MET A 373 40.21 14.49 -6.37
C MET A 373 39.35 13.76 -7.40
N CYS A 374 38.17 14.31 -7.73
CA CYS A 374 37.35 13.75 -8.77
C CYS A 374 38.08 13.76 -10.12
N GLU A 375 38.79 14.87 -10.46
CA GLU A 375 39.58 14.91 -11.67
C GLU A 375 40.70 13.84 -11.62
N LYS A 376 41.40 13.79 -10.50
CA LYS A 376 42.56 12.91 -10.34
C LYS A 376 42.12 11.45 -10.51
N HIS A 377 40.95 11.11 -9.96
CA HIS A 377 40.53 9.72 -9.91
C HIS A 377 39.49 9.37 -10.96
N GLU A 378 39.22 10.28 -11.90
CA GLU A 378 38.29 10.07 -13.00
C GLU A 378 36.91 9.75 -12.46
N ILE A 379 36.44 10.57 -11.51
CA ILE A 379 35.12 10.41 -10.95
C ILE A 379 34.24 11.50 -11.55
N GLU A 380 33.07 11.10 -12.05
CA GLU A 380 32.15 12.05 -12.65
C GLU A 380 31.64 12.99 -11.57
N LEU A 381 31.68 14.28 -11.87
CA LEU A 381 31.26 15.33 -10.94
C LEU A 381 29.74 15.35 -10.82
N PRO A 382 29.23 15.74 -9.64
CA PRO A 382 27.81 16.05 -9.48
C PRO A 382 27.56 17.46 -10.00
N HIS A 383 26.28 17.76 -10.21
CA HIS A 383 25.87 19.14 -10.42
C HIS A 383 24.64 19.49 -9.61
N PRO A 384 24.61 20.56 -8.77
CA PRO A 384 25.76 21.45 -8.52
C PRO A 384 26.80 20.80 -7.63
N ARG A 385 27.96 21.42 -7.51
CA ARG A 385 29.06 20.88 -6.75
C ARG A 385 28.96 21.27 -5.27
N THR A 386 27.93 20.76 -4.58
CA THR A 386 27.81 20.93 -3.15
C THR A 386 28.76 19.94 -2.45
N ALA A 387 29.10 20.24 -1.21
CA ALA A 387 29.97 19.36 -0.44
C ALA A 387 29.29 17.99 -0.29
N ALA A 388 27.99 17.99 -0.08
CA ALA A 388 27.24 16.74 0.09
C ALA A 388 27.29 15.87 -1.18
N LYS A 389 27.03 16.49 -2.33
CA LYS A 389 27.06 15.74 -3.57
C LYS A 389 28.43 15.19 -3.88
N LEU A 390 29.48 16.03 -3.66
CA LEU A 390 30.82 15.57 -3.88
C LEU A 390 31.20 14.39 -2.99
N LEU A 391 30.85 14.49 -1.69
CA LEU A 391 31.05 13.40 -0.75
C LEU A 391 30.39 12.13 -1.27
N ASP A 392 29.15 12.25 -1.78
CA ASP A 392 28.43 11.10 -2.29
C ASP A 392 29.14 10.44 -3.47
N LYS A 393 29.68 11.24 -4.41
CA LYS A 393 30.35 10.66 -5.57
C LYS A 393 31.62 9.95 -5.09
N LEU A 394 32.36 10.54 -4.10
CA LEU A 394 33.54 9.89 -3.57
C LEU A 394 33.19 8.56 -2.87
N ALA A 395 32.08 8.56 -2.12
CA ALA A 395 31.65 7.31 -1.46
C ALA A 395 31.29 6.25 -2.50
N GLY A 396 30.55 6.66 -3.53
CA GLY A 396 30.20 5.78 -4.63
C GLY A 396 31.40 5.07 -5.22
N HIS A 397 32.51 5.81 -5.39
CA HIS A 397 33.66 5.28 -6.07
C HIS A 397 34.53 4.44 -5.12
N PHE A 398 34.71 4.89 -3.87
CA PHE A 398 35.71 4.31 -2.99
C PHE A 398 35.09 3.34 -1.98
N VAL A 399 33.80 3.45 -1.69
CA VAL A 399 33.28 2.74 -0.54
C VAL A 399 32.16 1.79 -0.93
N GLU A 400 31.25 2.23 -1.79
CA GLU A 400 30.13 1.37 -2.14
C GLU A 400 30.65 0.18 -2.96
N THR A 401 31.77 0.38 -3.65
CA THR A 401 32.41 -0.64 -4.48
C THR A 401 33.00 -1.74 -3.60
N LYS A 402 33.17 -1.53 -2.29
CA LYS A 402 33.71 -2.55 -1.42
C LYS A 402 32.60 -3.39 -0.81
N CYS A 403 31.35 -3.09 -1.15
CA CYS A 403 30.22 -3.68 -0.47
C CYS A 403 29.58 -4.82 -1.26
N THR A 404 30.23 -6.00 -1.19
CA THR A 404 29.79 -7.13 -1.94
C THR A 404 28.79 -7.92 -1.09
N ASN A 405 29.28 -8.49 0.03
CA ASN A 405 28.34 -9.09 0.95
C ASN A 405 27.64 -7.92 1.70
N PRO A 406 26.47 -8.09 2.29
CA PRO A 406 25.82 -7.02 3.09
C PRO A 406 26.84 -6.32 3.97
N SER A 407 26.90 -4.99 3.81
CA SER A 407 27.82 -4.14 4.52
C SER A 407 27.14 -2.80 4.89
N PHE A 408 27.42 -2.32 6.07
CA PHE A 408 26.92 -1.03 6.49
C PHE A 408 27.96 0.02 6.14
N ILE A 409 27.53 1.12 5.50
CA ILE A 409 28.36 2.32 5.43
C ILE A 409 27.78 3.26 6.49
N ILE A 410 28.65 3.69 7.40
CA ILE A 410 28.17 4.38 8.60
C ILE A 410 28.74 5.77 8.74
N ASP A 411 28.07 6.56 9.62
CA ASP A 411 28.60 7.80 10.15
C ASP A 411 28.76 8.88 9.08
N HIS A 412 27.77 9.00 8.23
CA HIS A 412 27.72 9.99 7.15
C HIS A 412 27.84 11.41 7.68
N PRO A 413 28.64 12.27 6.97
CA PRO A 413 28.62 13.69 7.28
C PRO A 413 27.23 14.33 7.40
N GLN A 414 27.08 15.19 8.41
CA GLN A 414 25.90 16.01 8.59
C GLN A 414 25.47 16.71 7.31
N THR A 415 26.43 17.32 6.61
CA THR A 415 26.11 18.11 5.41
C THR A 415 25.30 17.31 4.38
N MET A 416 25.42 15.96 4.34
CA MET A 416 24.64 15.15 3.41
C MET A 416 23.47 14.44 4.10
N SER A 417 23.16 14.77 5.35
CA SER A 417 22.25 13.97 6.19
C SER A 417 21.36 14.92 6.99
N PRO A 418 20.47 15.71 6.33
CA PRO A 418 19.80 16.79 7.03
C PRO A 418 18.82 16.40 8.12
N LEU A 419 18.36 15.13 8.15
CA LEU A 419 17.43 14.64 9.12
C LEU A 419 18.02 13.70 10.16
N ALA A 420 19.34 13.49 10.09
CA ALA A 420 20.05 12.54 10.94
C ALA A 420 20.67 13.29 12.12
N LYS A 421 20.62 12.68 13.29
CA LYS A 421 21.11 13.32 14.52
C LYS A 421 22.64 13.31 14.54
N TRP A 422 23.22 14.41 14.98
CA TRP A 422 24.66 14.55 15.11
C TRP A 422 25.23 13.36 15.86
N HIS A 423 26.43 12.94 15.49
CA HIS A 423 27.06 11.78 16.07
C HIS A 423 27.45 12.13 17.51
N ARG A 424 27.22 11.23 18.43
CA ARG A 424 27.54 11.48 19.83
C ARG A 424 29.06 11.58 20.05
N GLU A 425 29.91 10.98 19.19
CA GLU A 425 31.35 11.01 19.37
C GLU A 425 32.11 11.79 18.29
N LYS A 426 31.62 11.73 17.04
CA LYS A 426 32.36 12.16 15.90
C LYS A 426 31.92 13.55 15.45
N PRO A 427 32.80 14.55 15.48
CA PRO A 427 32.49 15.86 14.91
C PRO A 427 32.14 15.80 13.45
N GLU A 428 31.08 16.55 13.10
CA GLU A 428 30.64 16.75 11.72
C GLU A 428 29.87 15.56 11.15
N MET A 429 29.80 14.44 11.88
CA MET A 429 29.18 13.21 11.39
C MET A 429 27.79 13.09 12.02
N THR A 430 27.06 12.06 11.61
CA THR A 430 25.75 11.73 12.10
C THR A 430 25.71 10.24 12.46
N GLU A 431 24.60 9.87 13.11
CA GLU A 431 24.32 8.49 13.47
C GLU A 431 23.45 7.89 12.39
N ARG A 432 24.10 7.58 11.27
CA ARG A 432 23.42 7.15 10.08
C ARG A 432 24.14 5.91 9.55
N PHE A 433 23.33 5.06 8.93
CA PHE A 433 23.91 4.02 8.08
C PHE A 433 23.08 3.84 6.82
N GLU A 434 23.76 3.22 5.85
CA GLU A 434 23.16 2.66 4.64
C GLU A 434 23.65 1.20 4.59
N LEU A 435 22.73 0.33 4.23
CA LEU A 435 23.04 -1.05 3.90
C LEU A 435 23.22 -1.17 2.38
N PHE A 436 24.30 -1.81 1.98
CA PHE A 436 24.59 -2.13 0.59
C PHE A 436 24.81 -3.62 0.47
N VAL A 437 24.29 -4.16 -0.65
CA VAL A 437 24.53 -5.53 -1.09
C VAL A 437 24.92 -5.45 -2.57
N LEU A 438 26.09 -6.03 -2.91
CA LEU A 438 26.63 -5.95 -4.27
C LEU A 438 26.58 -4.52 -4.80
N GLY A 439 26.92 -3.55 -3.93
CA GLY A 439 27.05 -2.15 -4.31
C GLY A 439 25.72 -1.44 -4.51
N LYS A 440 24.59 -2.08 -4.17
CA LYS A 440 23.27 -1.52 -4.31
C LYS A 440 22.68 -1.17 -2.92
N GLU A 441 22.06 -0.01 -2.84
CA GLU A 441 21.50 0.48 -1.59
C GLU A 441 20.17 -0.25 -1.26
N LEU A 442 20.18 -0.94 -0.12
CA LEU A 442 18.93 -1.58 0.36
C LEU A 442 18.24 -0.75 1.47
N CYS A 443 19.03 -0.20 2.38
CA CYS A 443 18.48 0.50 3.55
C CYS A 443 19.17 1.83 3.76
N ASN A 444 18.44 2.73 4.46
CA ASN A 444 18.93 4.01 4.92
C ASN A 444 18.24 4.25 6.26
N ALA A 445 19.02 4.60 7.28
CA ALA A 445 18.52 4.66 8.66
C ALA A 445 19.35 5.59 9.51
N TYR A 446 18.74 6.14 10.60
CA TYR A 446 19.55 6.95 11.48
C TYR A 446 18.84 7.16 12.82
N THR A 447 19.64 7.45 13.86
CA THR A 447 19.12 8.15 15.03
C THR A 447 18.50 9.47 14.56
N GLU A 448 17.21 9.66 14.82
CA GLU A 448 16.48 10.79 14.23
C GLU A 448 16.88 12.12 14.85
N LEU A 449 17.12 13.15 14.04
CA LEU A 449 17.28 14.49 14.58
C LEU A 449 16.00 14.94 15.25
N ASN A 450 16.12 15.33 16.52
CA ASN A 450 14.96 15.74 17.31
C ASN A 450 15.13 17.13 17.91
N GLU A 451 16.17 17.88 17.46
CA GLU A 451 16.46 19.20 18.02
C GLU A 451 16.02 20.24 16.98
N PRO A 452 14.98 21.04 17.27
CA PRO A 452 14.34 21.89 16.26
C PRO A 452 15.18 23.03 15.69
N LEU A 453 16.11 23.57 16.49
CA LEU A 453 16.94 24.67 16.03
C LEU A 453 17.82 24.19 14.87
N GLN A 454 18.58 23.12 15.10
CA GLN A 454 19.42 22.55 14.07
C GLN A 454 18.62 22.05 12.90
N GLN A 455 17.47 21.40 13.17
CA GLN A 455 16.69 20.88 12.09
C GLN A 455 16.30 22.00 11.13
N ARG A 456 15.92 23.15 11.68
CA ARG A 456 15.53 24.26 10.82
C ARG A 456 16.73 24.76 10.05
N LYS A 457 17.90 24.83 10.67
CA LYS A 457 19.09 25.27 9.97
C LYS A 457 19.43 24.34 8.79
N PHE A 458 19.28 23.03 9.01
CA PHE A 458 19.61 22.10 7.94
C PHE A 458 18.58 22.19 6.83
N PHE A 459 17.31 22.41 7.16
CA PHE A 459 16.29 22.62 6.14
C PHE A 459 16.62 23.87 5.31
N GLU A 460 17.01 24.96 5.96
CA GLU A 460 17.46 26.16 5.24
C GLU A 460 18.59 25.83 4.25
N GLN A 461 19.59 25.09 4.69
CA GLN A 461 20.69 24.68 3.84
C GLN A 461 20.20 23.86 2.65
N GLN A 462 19.21 22.95 2.88
CA GLN A 462 18.64 22.18 1.79
CA GLN A 462 18.63 22.16 1.80
C GLN A 462 17.90 23.08 0.81
N ALA A 463 17.14 24.05 1.31
CA ALA A 463 16.37 24.92 0.41
C ALA A 463 17.37 25.76 -0.38
N ASP A 464 18.48 26.14 0.24
CA ASP A 464 19.52 26.88 -0.46
C ASP A 464 20.08 26.03 -1.61
N ALA A 465 20.38 24.76 -1.28
CA ALA A 465 20.89 23.86 -2.30
C ALA A 465 19.90 23.72 -3.46
N LYS A 466 18.61 23.50 -3.14
CA LYS A 466 17.57 23.41 -4.16
C LYS A 466 17.62 24.64 -5.05
N ALA A 467 17.65 25.82 -4.43
CA ALA A 467 17.68 27.07 -5.19
C ALA A 467 18.90 27.17 -6.11
N SER A 468 20.01 26.52 -5.72
CA SER A 468 21.23 26.52 -6.51
C SER A 468 21.20 25.45 -7.62
N GLY A 469 20.11 24.67 -7.72
CA GLY A 469 19.95 23.70 -8.78
C GLY A 469 20.03 22.22 -8.38
N ASP A 470 20.10 21.95 -7.08
CA ASP A 470 20.13 20.58 -6.59
C ASP A 470 18.69 20.01 -6.61
N VAL A 471 18.44 19.17 -7.58
CA VAL A 471 17.06 18.65 -7.81
C VAL A 471 16.70 17.60 -6.79
N GLU A 472 17.66 17.20 -5.95
CA GLU A 472 17.40 16.20 -4.94
C GLU A 472 17.23 16.81 -3.56
N ALA A 473 17.39 18.13 -3.45
CA ALA A 473 17.27 18.84 -2.17
C ALA A 473 15.83 19.24 -1.93
N CYS A 474 15.36 19.24 -0.66
CA CYS A 474 13.94 19.41 -0.39
C CYS A 474 13.68 20.79 0.18
N PRO A 475 12.48 21.36 0.00
CA PRO A 475 12.10 22.63 0.61
C PRO A 475 11.93 22.51 2.12
N ILE A 476 11.91 23.68 2.79
CA ILE A 476 11.65 23.72 4.22
C ILE A 476 10.20 23.29 4.48
N ASP A 477 9.97 22.49 5.52
CA ASP A 477 8.64 22.04 5.91
C ASP A 477 8.38 22.55 7.32
N GLU A 478 7.71 23.70 7.37
CA GLU A 478 7.39 24.34 8.65
C GLU A 478 6.49 23.47 9.52
N THR A 479 5.61 22.70 8.92
CA THR A 479 4.69 21.83 9.66
C THR A 479 5.55 20.84 10.44
N PHE A 480 6.63 20.33 9.84
CA PHE A 480 7.48 19.36 10.55
C PHE A 480 8.23 20.04 11.70
N CYS A 481 8.81 21.23 11.44
CA CYS A 481 9.56 21.91 12.48
C CYS A 481 8.66 22.21 13.68
N LEU A 482 7.39 22.57 13.42
CA LEU A 482 6.43 22.80 14.50
C LEU A 482 6.16 21.50 15.27
N ALA A 483 6.06 20.36 14.57
CA ALA A 483 5.94 19.07 15.22
C ALA A 483 7.15 18.79 16.12
N LEU A 484 8.39 19.11 15.68
CA LEU A 484 9.54 18.89 16.52
C LEU A 484 9.46 19.74 17.79
N GLU A 485 8.93 20.96 17.65
CA GLU A 485 8.78 21.82 18.83
C GLU A 485 7.84 21.23 19.87
N HIS A 486 7.02 20.24 19.56
CA HIS A 486 6.20 19.57 20.54
C HIS A 486 6.88 18.37 21.21
N GLY A 487 8.15 18.09 20.81
CA GLY A 487 8.95 17.07 21.46
C GLY A 487 8.90 15.69 20.80
N LEU A 488 9.81 15.44 19.84
CA LEU A 488 10.06 14.12 19.35
C LEU A 488 10.92 13.35 20.35
N PRO A 489 10.46 12.27 20.94
CA PRO A 489 11.31 11.43 21.78
C PRO A 489 12.58 11.00 21.06
N PRO A 490 13.68 10.66 21.74
CA PRO A 490 14.79 9.97 21.06
C PRO A 490 14.16 8.82 20.33
N THR A 491 14.50 8.70 19.01
CA THR A 491 13.87 7.77 18.11
C THR A 491 14.90 7.30 17.08
N GLY A 492 14.73 6.08 16.63
CA GLY A 492 15.45 5.50 15.50
C GLY A 492 14.47 5.23 14.37
N GLY A 493 14.85 5.58 13.14
CA GLY A 493 14.05 5.33 11.95
C GLY A 493 14.89 4.69 10.86
N TRP A 494 14.17 4.13 9.89
CA TRP A 494 14.75 3.17 8.95
C TRP A 494 13.85 3.00 7.74
N GLY A 495 14.47 2.71 6.59
CA GLY A 495 13.72 2.36 5.39
C GLY A 495 14.47 1.26 4.65
N LEU A 496 13.69 0.41 3.99
CA LEU A 496 14.16 -0.70 3.17
C LEU A 496 13.47 -0.66 1.81
N GLY A 497 14.26 -0.79 0.73
CA GLY A 497 13.75 -0.94 -0.63
C GLY A 497 13.41 -2.39 -0.89
N ILE A 498 12.11 -2.76 -0.79
CA ILE A 498 11.77 -4.15 -0.79
C ILE A 498 11.99 -4.74 -2.17
N ASP A 499 11.74 -3.99 -3.25
CA ASP A 499 11.98 -4.57 -4.58
C ASP A 499 13.43 -5.02 -4.72
N ARG A 500 14.37 -4.14 -4.37
CA ARG A 500 15.77 -4.48 -4.48
C ARG A 500 16.11 -5.72 -3.65
N LEU A 501 15.54 -5.84 -2.46
CA LEU A 501 15.76 -7.04 -1.65
C LEU A 501 15.22 -8.27 -2.40
N ILE A 502 14.03 -8.17 -3.01
CA ILE A 502 13.46 -9.27 -3.75
C ILE A 502 14.35 -9.66 -4.93
N MET A 503 15.07 -8.71 -5.55
CA MET A 503 15.98 -9.05 -6.62
C MET A 503 17.05 -10.03 -6.09
N PHE A 504 17.58 -9.77 -4.90
CA PHE A 504 18.56 -10.67 -4.33
C PHE A 504 17.92 -12.00 -3.92
N LEU A 505 16.77 -11.94 -3.26
CA LEU A 505 16.10 -13.17 -2.80
C LEU A 505 15.73 -14.09 -3.96
N ALA A 506 15.24 -13.51 -5.06
CA ALA A 506 14.76 -14.25 -6.22
C ALA A 506 15.84 -14.49 -7.26
N ASP A 507 17.04 -13.91 -7.06
CA ASP A 507 18.12 -13.97 -8.03
C ASP A 507 17.73 -13.40 -9.40
N LYS A 508 17.46 -12.09 -9.39
CA LYS A 508 17.24 -11.30 -10.60
C LYS A 508 18.14 -10.08 -10.57
N ASN A 509 18.65 -9.70 -11.73
CA ASN A 509 19.60 -8.59 -11.83
C ASN A 509 18.92 -7.37 -12.46
N ASN A 510 17.62 -7.47 -12.79
CA ASN A 510 16.91 -6.37 -13.41
C ASN A 510 15.59 -6.17 -12.66
N ILE A 511 15.34 -4.93 -12.20
CA ILE A 511 14.14 -4.54 -11.53
C ILE A 511 12.90 -4.96 -12.33
N LYS A 512 13.00 -4.99 -13.68
CA LYS A 512 11.79 -5.30 -14.46
C LYS A 512 11.30 -6.71 -14.19
N GLU A 513 12.16 -7.61 -13.72
CA GLU A 513 11.75 -8.97 -13.42
C GLU A 513 10.91 -9.11 -12.16
N VAL A 514 10.94 -8.12 -11.24
CA VAL A 514 10.27 -8.29 -9.97
C VAL A 514 9.09 -7.31 -9.81
N LEU A 515 8.75 -6.55 -10.85
CA LEU A 515 7.58 -5.67 -10.90
C LEU A 515 6.64 -6.18 -12.00
N LEU A 516 5.33 -6.27 -11.68
CA LEU A 516 4.45 -6.75 -12.69
C LEU A 516 4.42 -5.89 -13.95
N PHE A 517 4.39 -4.58 -13.77
CA PHE A 517 4.25 -3.66 -14.89
C PHE A 517 5.31 -2.58 -14.77
N PRO A 518 6.60 -2.92 -14.98
CA PRO A 518 7.67 -1.92 -14.84
C PRO A 518 7.57 -0.80 -15.87
N ALA A 519 8.14 0.35 -15.50
CA ALA A 519 8.27 1.46 -16.45
C ALA A 519 9.18 1.10 -17.62
N MET A 520 8.79 1.54 -18.82
CA MET A 520 9.46 1.24 -20.08
C MET A 520 9.64 2.58 -20.81
N ARG A 521 10.80 2.79 -21.46
CA ARG A 521 11.04 4.02 -22.24
C ARG A 521 10.03 4.23 -23.38
N MET B 22 2.75 32.79 25.08
CA MET B 22 3.19 34.20 24.86
C MET B 22 4.62 34.22 24.31
N HIS B 23 5.58 34.44 25.22
CA HIS B 23 7.00 34.26 24.97
C HIS B 23 7.45 32.85 25.38
N TYR B 24 6.50 31.94 25.63
CA TYR B 24 6.82 30.64 26.20
C TYR B 24 7.77 29.88 25.27
N THR B 25 7.49 29.90 23.96
CA THR B 25 8.31 29.16 23.00
C THR B 25 9.71 29.79 22.95
N ASP B 26 9.80 31.12 22.83
CA ASP B 26 11.09 31.79 22.72
C ASP B 26 11.93 31.54 23.97
N ASN B 27 11.27 31.59 25.13
CA ASN B 27 11.91 31.37 26.42
C ASN B 27 12.44 29.95 26.52
N ARG B 28 11.65 28.98 26.07
CA ARG B 28 12.12 27.61 26.10
C ARG B 28 13.37 27.43 25.25
N TYR B 29 13.42 28.07 24.08
CA TYR B 29 14.63 28.02 23.26
C TYR B 29 15.83 28.58 24.02
N LYS B 30 15.62 29.65 24.78
CA LYS B 30 16.67 30.26 25.58
C LYS B 30 17.09 29.34 26.73
N MET B 31 16.12 28.65 27.34
CA MET B 31 16.43 27.72 28.41
C MET B 31 17.34 26.62 27.87
N MET B 32 17.03 26.14 26.65
CA MET B 32 17.78 25.02 26.08
C MET B 32 19.19 25.47 25.71
N GLU B 33 19.33 26.69 25.20
CA GLU B 33 20.65 27.26 24.90
C GLU B 33 21.51 27.32 26.16
N CYS B 34 20.91 27.79 27.27
CA CYS B 34 21.62 27.85 28.54
C CYS B 34 22.10 26.49 29.02
N ILE B 35 21.18 25.51 29.02
CA ILE B 35 21.54 24.15 29.34
C ILE B 35 22.74 23.71 28.49
N LYS B 36 22.67 23.97 27.18
CA LYS B 36 23.69 23.49 26.25
C LYS B 36 25.02 24.11 26.63
N ASP B 37 25.01 25.41 26.97
CA ASP B 37 26.22 26.17 27.20
C ASP B 37 26.84 25.84 28.54
N ALA B 38 26.02 25.33 29.46
CA ALA B 38 26.49 24.97 30.78
C ALA B 38 27.02 23.53 30.82
N GLY B 39 27.02 22.84 29.67
CA GLY B 39 27.47 21.45 29.62
C GLY B 39 26.47 20.47 30.27
N ARG B 40 25.23 20.88 30.47
CA ARG B 40 24.25 20.00 31.07
C ARG B 40 23.58 19.15 29.98
N PRO B 41 22.86 18.06 30.34
CA PRO B 41 22.27 17.18 29.33
C PRO B 41 21.44 17.91 28.28
N PHE B 42 21.84 17.74 27.01
CA PHE B 42 21.22 18.43 25.90
C PHE B 42 20.84 17.42 24.84
N TYR B 43 19.55 17.00 24.84
CA TYR B 43 19.09 16.04 23.86
C TYR B 43 19.94 14.77 23.85
N PRO B 44 19.95 14.01 24.96
CA PRO B 44 20.66 12.73 25.00
C PRO B 44 20.29 11.83 23.81
N HIS B 45 21.27 11.11 23.29
CA HIS B 45 21.06 10.28 22.11
C HIS B 45 20.27 9.02 22.39
N LYS B 46 20.59 8.36 23.51
CA LYS B 46 19.95 7.11 23.90
C LYS B 46 19.61 7.19 25.39
N PHE B 47 18.40 6.76 25.72
CA PHE B 47 17.98 6.51 27.08
C PHE B 47 17.52 5.07 27.09
N LYS B 48 18.20 4.24 27.89
CA LYS B 48 17.86 2.84 27.99
C LYS B 48 16.83 2.60 29.09
N ILE B 49 15.59 2.30 28.71
CA ILE B 49 14.58 1.95 29.68
C ILE B 49 14.79 0.54 30.20
N SER B 50 14.41 0.32 31.45
CA SER B 50 14.43 -0.99 32.10
C SER B 50 13.30 -1.87 31.56
N MET B 51 12.17 -1.24 31.33
CA MET B 51 10.96 -1.88 30.87
C MET B 51 10.01 -0.78 30.43
N SER B 52 8.99 -1.20 29.66
CA SER B 52 7.94 -0.29 29.24
C SER B 52 7.11 0.12 30.46
N LEU B 53 6.32 1.19 30.34
CA LEU B 53 5.39 1.56 31.40
C LEU B 53 4.28 0.51 31.55
N PRO B 54 3.70 -0.09 30.47
CA PRO B 54 2.76 -1.21 30.66
C PRO B 54 3.38 -2.38 31.42
N ALA B 55 4.65 -2.72 31.13
CA ALA B 55 5.33 -3.81 31.82
C ALA B 55 5.56 -3.44 33.29
N TYR B 56 5.88 -2.19 33.56
CA TYR B 56 6.09 -1.71 34.93
C TYR B 56 4.82 -1.87 35.75
N ALA B 57 3.70 -1.49 35.14
CA ALA B 57 2.40 -1.56 35.77
C ALA B 57 2.01 -3.00 36.05
N LEU B 58 2.29 -3.88 35.08
CA LEU B 58 1.94 -5.28 35.25
C LEU B 58 2.76 -5.88 36.39
N LYS B 59 4.02 -5.48 36.51
CA LYS B 59 4.93 -6.06 37.49
C LYS B 59 4.62 -5.54 38.91
N TYR B 60 4.32 -4.23 39.06
CA TYR B 60 4.29 -3.64 40.39
C TYR B 60 2.90 -3.13 40.79
N GLY B 61 1.93 -3.26 39.89
CA GLY B 61 0.62 -2.65 40.07
C GLY B 61 -0.16 -3.20 41.25
N ASN B 62 0.15 -4.37 41.79
CA ASN B 62 -0.58 -4.76 43.00
C ASN B 62 0.38 -5.17 44.11
N VAL B 63 1.51 -4.48 44.21
CA VAL B 63 2.25 -4.45 45.47
C VAL B 63 1.37 -3.76 46.51
N GLU B 64 1.73 -3.92 47.79
CA GLU B 64 1.02 -3.29 48.90
C GLU B 64 1.22 -1.78 48.89
N ASN B 65 0.24 -1.06 49.44
CA ASN B 65 0.38 0.38 49.63
C ASN B 65 1.65 0.66 50.43
N GLY B 66 2.41 1.65 49.95
CA GLY B 66 3.65 2.06 50.60
C GLY B 66 4.83 1.14 50.29
N TYR B 67 4.62 0.08 49.50
CA TYR B 67 5.73 -0.80 49.15
C TYR B 67 6.78 -0.03 48.35
N ILE B 68 8.04 -0.25 48.71
CA ILE B 68 9.17 0.29 47.97
C ILE B 68 10.28 -0.75 48.01
N ASP B 69 10.90 -1.01 46.86
CA ASP B 69 12.05 -1.89 46.80
C ASP B 69 13.30 -1.07 46.53
N LYS B 70 14.00 -0.72 47.60
CA LYS B 70 15.22 0.06 47.52
C LYS B 70 16.38 -0.74 46.95
N ASP B 71 16.19 -2.04 46.73
CA ASP B 71 17.26 -2.86 46.20
C ASP B 71 17.25 -2.90 44.66
N THR B 72 16.20 -2.35 44.04
CA THR B 72 16.05 -2.37 42.59
C THR B 72 16.04 -0.93 42.08
N THR B 73 16.97 -0.58 41.19
CA THR B 73 16.97 0.70 40.49
C THR B 73 16.51 0.47 39.05
N LEU B 74 15.51 1.24 38.60
CA LEU B 74 14.96 1.10 37.26
C LEU B 74 14.99 2.45 36.57
N SER B 75 15.05 2.40 35.23
CA SER B 75 14.94 3.56 34.37
C SER B 75 13.61 3.52 33.60
N LEU B 76 12.85 4.63 33.61
CA LEU B 76 11.56 4.68 32.95
C LEU B 76 11.49 5.98 32.16
N SER B 77 10.63 6.02 31.14
CA SER B 77 10.52 7.22 30.31
C SER B 77 9.11 7.35 29.76
N GLY B 78 8.68 8.62 29.68
CA GLY B 78 7.44 8.97 29.03
C GLY B 78 7.32 10.48 28.87
N ARG B 79 6.15 10.90 28.43
CA ARG B 79 5.84 12.30 28.34
C ARG B 79 5.21 12.78 29.64
N VAL B 80 5.65 13.93 30.13
CA VAL B 80 5.12 14.51 31.38
C VAL B 80 3.72 15.08 31.14
N THR B 81 2.72 14.52 31.83
CA THR B 81 1.37 15.01 31.67
C THR B 81 0.98 15.92 32.85
N SER B 82 1.74 15.86 33.95
CA SER B 82 1.38 16.62 35.15
C SER B 82 2.64 16.88 35.98
N ILE B 83 2.75 18.09 36.57
CA ILE B 83 3.80 18.42 37.53
C ILE B 83 3.15 19.10 38.73
N ARG B 84 3.40 18.61 39.94
CA ARG B 84 2.96 19.31 41.14
C ARG B 84 4.16 19.47 42.06
N SER B 85 4.72 20.69 42.18
CA SER B 85 5.78 20.90 43.13
C SER B 85 5.10 21.21 44.47
N SER B 86 4.93 20.18 45.31
CA SER B 86 4.12 20.31 46.50
C SER B 86 4.87 21.04 47.61
N SER B 87 6.21 20.94 47.61
CA SER B 87 7.05 21.67 48.56
C SER B 87 8.39 21.93 47.89
N SER B 88 9.25 22.65 48.60
CA SER B 88 10.64 22.83 48.18
C SER B 88 11.37 21.51 48.08
N LYS B 89 10.85 20.45 48.72
CA LYS B 89 11.57 19.19 48.82
C LYS B 89 10.96 18.02 48.04
N LEU B 90 9.77 18.19 47.44
CA LEU B 90 9.02 17.06 46.92
C LEU B 90 8.25 17.49 45.69
N ILE B 91 8.47 16.80 44.54
CA ILE B 91 7.77 17.08 43.30
C ILE B 91 7.12 15.79 42.83
N PHE B 92 5.84 15.88 42.42
CA PHE B 92 5.13 14.76 41.86
C PHE B 92 4.97 14.95 40.35
N TYR B 93 5.29 13.90 39.57
CA TYR B 93 5.04 13.94 38.14
C TYR B 93 4.12 12.79 37.74
N ASP B 94 3.33 13.03 36.70
CA ASP B 94 2.79 11.94 35.93
C ASP B 94 3.53 11.89 34.60
N ILE B 95 3.94 10.66 34.20
CA ILE B 95 4.41 10.38 32.85
C ILE B 95 3.47 9.39 32.17
N PHE B 96 3.41 9.51 30.82
CA PHE B 96 2.53 8.70 30.02
C PHE B 96 3.31 8.13 28.85
N CYS B 97 3.14 6.82 28.64
CA CYS B 97 3.81 6.13 27.55
C CYS B 97 3.06 4.84 27.26
N GLU B 98 2.85 4.56 25.96
CA GLU B 98 2.31 3.29 25.52
C GLU B 98 1.02 2.96 26.27
N GLU B 99 0.16 3.97 26.42
CA GLU B 99 -1.19 3.85 26.97
C GLU B 99 -1.19 3.65 28.50
N GLN B 100 -0.06 3.87 29.17
CA GLN B 100 0.04 3.69 30.62
C GLN B 100 0.57 4.95 31.26
N LYS B 101 -0.05 5.34 32.39
CA LYS B 101 0.41 6.44 33.22
C LYS B 101 1.10 5.90 34.46
N VAL B 102 2.24 6.50 34.82
CA VAL B 102 2.93 6.20 36.06
C VAL B 102 3.26 7.49 36.81
N GLN B 103 3.10 7.47 38.15
CA GLN B 103 3.50 8.58 38.99
C GLN B 103 4.96 8.49 39.40
N ILE B 104 5.66 9.63 39.28
CA ILE B 104 7.03 9.77 39.77
C ILE B 104 7.01 10.65 41.03
N ILE B 105 7.65 10.19 42.12
CA ILE B 105 7.77 10.96 43.38
C ILE B 105 9.23 11.31 43.57
N ALA B 106 9.56 12.58 43.33
CA ALA B 106 10.92 13.09 43.42
C ALA B 106 11.13 13.83 44.74
N ASN B 107 11.83 13.18 45.68
CA ASN B 107 12.13 13.72 47.01
C ASN B 107 13.61 14.13 47.05
N ILE B 108 13.88 15.34 47.53
CA ILE B 108 15.22 15.91 47.55
C ILE B 108 16.19 14.95 48.26
N MET B 109 15.70 14.16 49.21
CA MET B 109 16.56 13.31 50.03
C MET B 109 17.11 12.13 49.21
N GLU B 110 16.46 11.79 48.07
CA GLU B 110 16.88 10.69 47.22
C GLU B 110 17.68 11.16 46.00
N HIS B 111 17.87 12.46 45.85
CA HIS B 111 18.38 12.99 44.61
C HIS B 111 19.89 12.77 44.49
N ASP B 112 20.29 12.27 43.32
CA ASP B 112 21.68 12.08 42.98
C ASP B 112 22.31 13.41 42.58
N ILE B 113 23.19 13.93 43.44
CA ILE B 113 23.68 15.28 43.26
C ILE B 113 24.73 15.33 42.16
N SER B 114 25.21 14.20 41.67
CA SER B 114 26.14 14.21 40.55
C SER B 114 25.43 14.67 39.27
N THR B 115 24.09 14.58 39.24
CA THR B 115 23.32 15.03 38.09
C THR B 115 22.99 16.52 38.20
N GLY B 116 23.34 17.16 39.31
CA GLY B 116 23.00 18.54 39.55
C GLY B 116 22.31 18.70 40.91
N GLU B 117 22.19 19.95 41.36
CA GLU B 117 21.40 20.25 42.54
C GLU B 117 19.95 19.94 42.18
N PHE B 118 19.18 19.43 43.14
CA PHE B 118 17.80 19.02 42.90
C PHE B 118 16.99 20.14 42.28
N SER B 119 17.00 21.35 42.86
CA SER B 119 16.22 22.44 42.28
C SER B 119 16.63 22.71 40.83
N VAL B 120 17.94 22.68 40.51
CA VAL B 120 18.40 22.92 39.15
C VAL B 120 17.84 21.86 38.20
N SER B 121 17.99 20.60 38.56
CA SER B 121 17.57 19.46 37.74
C SER B 121 16.07 19.58 37.44
N HIS B 122 15.26 19.90 38.46
CA HIS B 122 13.81 19.88 38.27
C HIS B 122 13.35 21.18 37.61
N SER B 123 14.13 22.27 37.68
CA SER B 123 13.75 23.54 37.09
C SER B 123 13.68 23.45 35.57
N GLU B 124 14.33 22.41 35.04
CA GLU B 124 14.48 22.25 33.60
C GLU B 124 13.27 21.57 32.97
N ILE B 125 12.40 20.98 33.77
CA ILE B 125 11.32 20.13 33.32
C ILE B 125 10.02 20.92 33.29
N ARG B 126 9.27 20.71 32.21
CA ARG B 126 7.96 21.32 32.03
C ARG B 126 6.97 20.26 31.57
N ARG B 127 5.72 20.55 31.83
CA ARG B 127 4.64 19.72 31.34
C ARG B 127 4.76 19.63 29.82
N GLY B 128 4.61 18.41 29.33
CA GLY B 128 4.73 18.09 27.91
C GLY B 128 6.10 17.56 27.51
N ASP B 129 7.12 17.71 28.36
CA ASP B 129 8.46 17.25 28.04
C ASP B 129 8.53 15.74 28.02
N VAL B 130 9.32 15.21 27.08
CA VAL B 130 9.73 13.82 27.16
C VAL B 130 10.96 13.68 28.06
N VAL B 131 10.80 12.85 29.08
CA VAL B 131 11.78 12.74 30.15
C VAL B 131 12.11 11.30 30.48
N GLY B 132 13.29 11.11 31.09
CA GLY B 132 13.61 9.85 31.74
C GLY B 132 13.78 10.03 33.25
N PHE B 133 13.50 8.98 34.02
CA PHE B 133 13.77 8.98 35.46
C PHE B 133 14.44 7.67 35.84
N THR B 134 15.26 7.69 36.90
CA THR B 134 15.73 6.46 37.50
C THR B 134 15.32 6.47 38.96
N GLY B 135 15.03 5.29 39.50
CA GLY B 135 14.60 5.21 40.89
C GLY B 135 14.14 3.82 41.29
N PHE B 136 13.48 3.81 42.45
CA PHE B 136 13.03 2.59 43.10
C PHE B 136 11.56 2.38 42.84
N PRO B 137 11.12 1.13 42.58
CA PRO B 137 9.73 0.85 42.33
C PRO B 137 8.90 0.67 43.59
N GLY B 138 7.60 0.91 43.43
CA GLY B 138 6.59 0.52 44.40
C GLY B 138 5.30 1.34 44.29
N LYS B 139 4.72 1.67 45.45
CA LYS B 139 3.43 2.33 45.51
C LYS B 139 3.45 3.35 46.64
N SER B 140 2.82 4.52 46.41
CA SER B 140 2.70 5.52 47.46
C SER B 140 1.82 4.97 48.58
N LYS B 141 1.82 5.67 49.72
CA LYS B 141 0.97 5.27 50.84
C LYS B 141 -0.50 5.28 50.41
N ARG B 142 -0.87 6.25 49.55
CA ARG B 142 -2.23 6.37 49.07
C ARG B 142 -2.58 5.34 47.99
N GLY B 143 -1.62 4.52 47.55
CA GLY B 143 -1.90 3.38 46.68
C GLY B 143 -1.64 3.64 45.19
N GLU B 144 -0.92 4.72 44.84
CA GLU B 144 -0.58 5.03 43.46
C GLU B 144 0.71 4.33 43.06
N LEU B 145 0.63 3.57 41.97
CA LEU B 145 1.81 3.00 41.32
C LEU B 145 2.80 4.12 41.07
N SER B 146 4.02 3.97 41.57
CA SER B 146 4.99 5.06 41.52
C SER B 146 6.39 4.55 41.31
N LEU B 147 7.24 5.47 40.83
CA LEU B 147 8.68 5.35 40.91
C LEU B 147 9.20 6.44 41.85
N PHE B 148 10.03 6.02 42.80
CA PHE B 148 10.63 6.95 43.72
C PHE B 148 11.97 7.30 43.11
N SER B 149 12.05 8.48 42.51
CA SER B 149 13.17 8.79 41.65
C SER B 149 14.39 9.30 42.39
N LYS B 150 15.54 9.13 41.77
CA LYS B 150 16.82 9.65 42.20
C LYS B 150 17.42 10.60 41.18
N SER B 151 16.90 10.60 39.94
CA SER B 151 17.41 11.47 38.91
C SER B 151 16.30 11.71 37.88
N VAL B 152 16.52 12.74 37.09
CA VAL B 152 15.64 13.09 35.98
C VAL B 152 16.53 13.56 34.84
N VAL B 153 16.15 13.15 33.60
CA VAL B 153 16.88 13.52 32.41
C VAL B 153 15.86 14.10 31.42
N LEU B 154 16.14 15.30 30.96
CA LEU B 154 15.33 15.97 29.96
C LEU B 154 15.73 15.38 28.60
N LEU B 155 14.82 14.65 27.97
CA LEU B 155 15.15 13.95 26.71
C LEU B 155 14.76 14.78 25.49
N SER B 156 13.56 15.37 25.52
CA SER B 156 13.08 16.18 24.41
C SER B 156 12.00 17.13 24.92
N PRO B 157 12.32 18.40 25.08
CA PRO B 157 11.39 19.40 25.64
C PRO B 157 10.24 19.72 24.68
N CYS B 158 9.12 20.09 25.24
CA CYS B 158 8.01 20.69 24.52
C CYS B 158 8.11 22.19 24.62
N TYR B 159 8.07 22.89 23.49
CA TYR B 159 8.25 24.32 23.44
C TYR B 159 6.92 25.08 23.43
N HIS B 160 5.81 24.37 23.62
CA HIS B 160 4.47 24.92 23.56
C HIS B 160 3.70 24.56 24.82
N MET B 161 2.85 25.48 25.30
CA MET B 161 1.97 25.16 26.40
C MET B 161 0.82 24.30 25.89
N LEU B 162 0.71 23.10 26.43
CA LEU B 162 -0.24 22.16 25.88
C LEU B 162 -1.61 22.40 26.50
N PRO B 163 -2.69 22.32 25.69
CA PRO B 163 -4.04 22.17 26.22
C PRO B 163 -4.06 20.98 27.15
N THR B 164 -4.90 21.08 28.16
CA THR B 164 -5.16 19.97 29.07
C THR B 164 -6.00 18.88 28.38
N ALA B 165 -6.78 19.24 27.35
CA ALA B 165 -7.53 18.28 26.54
C ALA B 165 -7.86 18.93 25.19
N ILE B 166 -8.32 18.14 24.20
CA ILE B 166 -8.50 18.63 22.83
C ILE B 166 -9.08 20.06 22.82
N GLU B 173 -10.19 21.76 14.03
CA GLU B 173 -9.26 21.89 12.88
C GLU B 173 -7.84 21.57 13.33
N VAL B 174 -7.48 21.93 14.56
CA VAL B 174 -6.14 21.65 15.05
C VAL B 174 -5.91 20.14 15.10
N ARG B 175 -6.95 19.35 15.39
CA ARG B 175 -6.79 17.91 15.54
C ARG B 175 -6.32 17.34 14.20
N TYR B 176 -6.75 17.96 13.10
CA TYR B 176 -6.45 17.45 11.76
C TYR B 176 -5.16 18.05 11.20
N ARG B 177 -4.86 19.31 11.53
CA ARG B 177 -3.68 19.98 11.00
C ARG B 177 -2.44 19.68 11.85
N GLN B 178 -2.67 19.29 13.10
CA GLN B 178 -1.59 18.96 14.02
C GLN B 178 -2.02 17.66 14.69
N ARG B 179 -1.96 16.58 13.92
CA ARG B 179 -2.57 15.32 14.36
C ARG B 179 -1.83 14.82 15.59
N TYR B 180 -0.54 15.16 15.72
CA TYR B 180 0.21 14.69 16.86
C TYR B 180 -0.37 15.20 18.17
N LEU B 181 -1.04 16.36 18.15
CA LEU B 181 -1.63 16.89 19.36
C LEU B 181 -2.86 16.05 19.72
N ASP B 182 -3.62 15.71 18.69
CA ASP B 182 -4.82 14.88 18.88
C ASP B 182 -4.36 13.56 19.46
N LEU B 183 -3.35 12.92 18.83
CA LEU B 183 -2.88 11.63 19.31
C LEU B 183 -2.35 11.71 20.74
N MET B 184 -1.60 12.75 21.04
CA MET B 184 -0.99 12.92 22.37
C MET B 184 -2.06 13.00 23.46
N LEU B 185 -3.19 13.65 23.17
CA LEU B 185 -4.12 14.09 24.19
C LEU B 185 -5.40 13.25 24.21
N ASN B 186 -5.69 12.51 23.13
CA ASN B 186 -7.03 11.96 22.92
C ASN B 186 -6.95 10.45 22.62
N GLU B 187 -7.25 9.65 23.64
CA GLU B 187 -7.30 8.21 23.54
C GLU B 187 -8.25 7.76 22.41
N GLU B 188 -9.38 8.44 22.23
CA GLU B 188 -10.37 8.04 21.23
C GLU B 188 -9.75 8.10 19.83
N SER B 189 -8.90 9.10 19.55
CA SER B 189 -8.25 9.19 18.26
C SER B 189 -7.29 8.03 18.06
N ARG B 190 -6.51 7.68 19.09
CA ARG B 190 -5.61 6.54 19.02
C ARG B 190 -6.37 5.24 18.75
N LYS B 191 -7.55 5.10 19.34
CA LYS B 191 -8.35 3.91 19.11
C LYS B 191 -8.80 3.78 17.65
N VAL B 192 -9.19 4.90 17.02
CA VAL B 192 -9.58 4.89 15.63
C VAL B 192 -8.50 4.25 14.76
N PHE B 193 -7.23 4.69 14.91
CA PHE B 193 -6.20 4.24 14.02
C PHE B 193 -5.77 2.80 14.29
N LYS B 194 -5.97 2.33 15.52
CA LYS B 194 -5.80 0.91 15.85
C LYS B 194 -6.91 0.08 15.20
N LEU B 195 -8.15 0.57 15.24
CA LEU B 195 -9.27 -0.13 14.62
C LEU B 195 -9.06 -0.17 13.11
N ARG B 196 -8.55 0.93 12.54
CA ARG B 196 -8.29 0.95 11.12
C ARG B 196 -7.34 -0.19 10.74
N SER B 197 -6.20 -0.32 11.46
CA SER B 197 -5.26 -1.40 11.19
C SER B 197 -5.89 -2.80 11.36
N ARG B 198 -6.67 -2.98 12.40
CA ARG B 198 -7.35 -4.25 12.64
C ARG B 198 -8.22 -4.61 11.43
N ALA B 199 -8.97 -3.64 10.92
CA ALA B 199 -9.86 -3.84 9.79
C ALA B 199 -9.10 -4.22 8.53
N ILE B 200 -8.02 -3.48 8.23
CA ILE B 200 -7.22 -3.82 7.09
C ILE B 200 -6.57 -5.19 7.18
N LYS B 201 -6.07 -5.57 8.36
CA LYS B 201 -5.51 -6.87 8.58
C LYS B 201 -6.59 -7.95 8.36
N TYR B 202 -7.81 -7.66 8.81
CA TYR B 202 -8.91 -8.61 8.67
C TYR B 202 -9.20 -8.87 7.16
N ILE B 203 -9.19 -7.78 6.40
CA ILE B 203 -9.43 -7.86 4.97
C ILE B 203 -8.36 -8.68 4.27
N ARG B 204 -7.06 -8.33 4.49
CA ARG B 204 -6.03 -9.10 3.85
C ARG B 204 -6.15 -10.58 4.19
N ASN B 205 -6.40 -10.87 5.45
CA ASN B 205 -6.53 -12.22 5.94
C ASN B 205 -7.66 -12.96 5.21
N TYR B 206 -8.77 -12.27 4.96
CA TYR B 206 -9.94 -12.87 4.35
C TYR B 206 -9.55 -13.39 2.94
N PHE B 207 -8.85 -12.53 2.16
CA PHE B 207 -8.47 -12.90 0.80
C PHE B 207 -7.29 -13.87 0.80
N ASP B 208 -6.33 -13.68 1.73
CA ASP B 208 -5.18 -14.58 1.81
C ASP B 208 -5.66 -16.02 2.05
N ARG B 209 -6.61 -16.19 2.95
CA ARG B 209 -7.10 -17.51 3.31
C ARG B 209 -7.86 -18.16 2.15
N LEU B 210 -8.49 -17.36 1.28
CA LEU B 210 -9.15 -17.88 0.10
C LEU B 210 -8.17 -18.19 -1.04
N GLY B 211 -6.86 -17.95 -0.86
CA GLY B 211 -5.90 -18.32 -1.87
C GLY B 211 -5.63 -17.19 -2.87
N PHE B 212 -6.02 -15.95 -2.59
CA PHE B 212 -5.74 -14.82 -3.46
C PHE B 212 -4.27 -14.47 -3.34
N LEU B 213 -3.71 -14.00 -4.44
CA LEU B 213 -2.36 -13.42 -4.47
C LEU B 213 -2.50 -11.92 -4.33
N GLU B 214 -1.77 -11.36 -3.34
CA GLU B 214 -1.72 -9.91 -3.19
C GLU B 214 -0.70 -9.39 -4.21
N VAL B 215 -1.14 -8.41 -5.00
CA VAL B 215 -0.28 -7.76 -5.98
C VAL B 215 -0.29 -6.25 -5.87
N GLU B 216 0.72 -5.66 -6.55
CA GLU B 216 0.88 -4.23 -6.73
C GLU B 216 1.01 -3.92 -8.22
N THR B 217 0.16 -2.97 -8.66
CA THR B 217 0.13 -2.54 -10.04
C THR B 217 0.38 -1.02 -10.03
N PRO B 218 0.79 -0.42 -11.16
CA PRO B 218 1.28 0.97 -11.16
C PRO B 218 0.25 2.04 -10.77
N MET B 219 0.72 2.92 -9.89
CA MET B 219 -0.01 4.15 -9.57
C MET B 219 0.21 5.25 -10.60
N LEU B 220 1.27 5.11 -11.42
CA LEU B 220 1.54 6.04 -12.49
C LEU B 220 1.19 5.38 -13.80
N ASN B 221 0.24 5.97 -14.54
CA ASN B 221 -0.38 5.37 -15.70
C ASN B 221 -0.09 6.30 -16.90
N MET B 222 0.28 5.72 -18.03
CA MET B 222 0.27 6.42 -19.30
C MET B 222 -1.15 6.77 -19.73
N ILE B 223 -2.10 5.85 -19.44
CA ILE B 223 -3.49 6.05 -19.85
C ILE B 223 -4.37 5.69 -18.67
N TYR B 224 -5.19 6.63 -18.15
CA TYR B 224 -5.91 6.35 -16.92
C TYR B 224 -7.20 5.64 -17.30
N GLY B 225 -7.78 4.93 -16.35
CA GLY B 225 -9.07 4.31 -16.58
C GLY B 225 -9.53 3.54 -15.37
N GLY B 226 -10.73 2.97 -15.54
CA GLY B 226 -11.30 1.99 -14.63
C GLY B 226 -12.20 2.55 -13.55
N ALA B 227 -12.58 3.84 -13.68
CA ALA B 227 -13.48 4.53 -12.80
C ALA B 227 -14.04 5.75 -13.51
N ALA B 228 -15.12 6.29 -12.98
CA ALA B 228 -15.67 7.57 -13.42
C ALA B 228 -15.12 8.67 -12.54
N ALA B 229 -14.02 9.34 -13.01
CA ALA B 229 -13.29 10.23 -12.16
C ALA B 229 -12.33 11.08 -12.99
N ARG B 230 -12.04 12.27 -12.50
CA ARG B 230 -10.98 13.11 -13.06
C ARG B 230 -9.67 12.81 -12.32
N PRO B 231 -8.62 12.43 -13.08
CA PRO B 231 -7.32 12.09 -12.48
C PRO B 231 -6.40 13.29 -12.28
N PHE B 232 -5.47 13.09 -11.37
CA PHE B 232 -4.26 13.94 -11.35
C PHE B 232 -3.39 13.67 -12.54
N ILE B 233 -2.68 14.76 -12.98
CA ILE B 233 -1.79 14.70 -14.10
C ILE B 233 -0.41 15.17 -13.65
N THR B 234 0.57 14.41 -14.03
CA THR B 234 1.99 14.75 -13.77
C THR B 234 2.84 14.47 -15.01
N TYR B 235 4.17 14.63 -14.82
CA TYR B 235 5.09 14.50 -15.93
C TYR B 235 6.40 13.83 -15.47
N HIS B 236 6.89 12.89 -16.28
CA HIS B 236 8.14 12.22 -16.00
C HIS B 236 9.18 12.87 -16.90
N ASN B 237 10.10 13.63 -16.31
CA ASN B 237 11.00 14.47 -17.10
C ASN B 237 11.94 13.63 -17.95
N GLU B 238 12.61 12.64 -17.35
CA GLU B 238 13.62 11.86 -18.05
C GLU B 238 13.03 11.05 -19.21
N LEU B 239 11.81 10.52 -19.04
CA LEU B 239 11.16 9.75 -20.08
C LEU B 239 10.29 10.60 -21.00
N GLU B 240 10.21 11.91 -20.76
CA GLU B 240 9.50 12.91 -21.55
C GLU B 240 8.09 12.46 -21.85
N THR B 241 7.35 12.19 -20.80
CA THR B 241 5.99 11.69 -20.93
C THR B 241 5.13 12.26 -19.83
N GLN B 242 3.93 12.66 -20.22
CA GLN B 242 2.82 12.91 -19.30
C GLN B 242 2.37 11.59 -18.70
N LEU B 243 2.02 11.64 -17.43
CA LEU B 243 1.50 10.48 -16.70
C LEU B 243 0.28 10.90 -15.93
N TYR B 244 -0.63 9.93 -15.68
CA TYR B 244 -1.71 10.17 -14.80
C TYR B 244 -1.58 9.35 -13.52
N MET B 245 -2.05 9.86 -12.38
CA MET B 245 -2.11 9.05 -11.20
C MET B 245 -3.37 8.19 -11.32
N ARG B 246 -3.27 6.94 -10.93
CA ARG B 246 -4.39 6.03 -11.11
C ARG B 246 -5.64 6.49 -10.41
N ILE B 247 -6.78 6.21 -11.08
CA ILE B 247 -8.07 6.31 -10.44
C ILE B 247 -8.57 4.94 -9.99
N ALA B 248 -8.05 3.87 -10.61
CA ALA B 248 -8.31 2.51 -10.17
C ALA B 248 -7.30 1.55 -10.76
N PRO B 249 -7.04 0.40 -10.09
CA PRO B 249 -6.15 -0.62 -10.63
C PRO B 249 -6.74 -1.59 -11.64
N GLU B 250 -8.07 -1.45 -11.92
CA GLU B 250 -8.88 -2.48 -12.52
C GLU B 250 -8.27 -3.03 -13.83
N LEU B 251 -7.84 -2.13 -14.74
CA LEU B 251 -7.41 -2.62 -16.06
C LEU B 251 -6.10 -3.41 -15.97
N TYR B 252 -5.20 -3.08 -15.03
CA TYR B 252 -4.03 -3.91 -14.84
C TYR B 252 -4.37 -5.25 -14.19
N LEU B 253 -5.19 -5.20 -13.14
CA LEU B 253 -5.65 -6.42 -12.46
C LEU B 253 -6.27 -7.42 -13.43
N LYS B 254 -7.13 -6.99 -14.35
CA LYS B 254 -7.73 -7.91 -15.29
C LYS B 254 -6.68 -8.54 -16.19
N GLN B 255 -5.59 -7.80 -16.53
CA GLN B 255 -4.54 -8.41 -17.30
C GLN B 255 -3.87 -9.57 -16.55
N LEU B 256 -3.82 -9.54 -15.25
CA LEU B 256 -3.25 -10.62 -14.47
C LEU B 256 -4.15 -11.85 -14.51
N ILE B 257 -5.47 -11.69 -14.65
CA ILE B 257 -6.35 -12.83 -14.81
C ILE B 257 -6.19 -13.41 -16.24
N VAL B 258 -6.01 -12.53 -17.25
CA VAL B 258 -5.61 -13.06 -18.56
C VAL B 258 -4.32 -13.88 -18.40
N GLY B 259 -3.38 -13.38 -17.60
CA GLY B 259 -2.13 -14.03 -17.32
C GLY B 259 -2.20 -15.35 -16.56
N GLY B 260 -3.40 -15.74 -16.09
CA GLY B 260 -3.50 -17.02 -15.38
C GLY B 260 -3.36 -16.96 -13.85
N LEU B 261 -3.25 -15.78 -13.25
CA LEU B 261 -3.10 -15.72 -11.79
C LEU B 261 -4.36 -16.06 -10.98
N ASP B 262 -5.54 -16.01 -11.60
CA ASP B 262 -6.80 -16.63 -11.16
C ASP B 262 -7.55 -15.86 -10.06
N LYS B 263 -6.84 -15.49 -9.00
CA LYS B 263 -7.35 -14.74 -7.84
C LYS B 263 -6.28 -13.75 -7.44
N VAL B 264 -6.58 -12.46 -7.65
CA VAL B 264 -5.63 -11.40 -7.28
C VAL B 264 -6.42 -10.35 -6.48
N TYR B 265 -5.71 -9.70 -5.57
CA TYR B 265 -6.27 -8.53 -4.88
C TYR B 265 -5.17 -7.50 -4.72
N GLU B 266 -5.63 -6.23 -4.55
CA GLU B 266 -4.69 -5.12 -4.41
C GLU B 266 -5.36 -4.14 -3.44
N LEU B 267 -4.68 -3.89 -2.36
CA LEU B 267 -5.18 -2.99 -1.30
C LEU B 267 -4.18 -1.84 -1.23
N GLY B 268 -4.64 -0.67 -1.64
CA GLY B 268 -3.77 0.48 -1.75
C GLY B 268 -4.53 1.73 -2.14
N LYS B 269 -3.77 2.78 -2.42
CA LYS B 269 -4.30 4.11 -2.68
C LYS B 269 -4.70 4.28 -4.14
N ASN B 270 -5.78 5.07 -4.27
CA ASN B 270 -6.28 5.56 -5.54
C ASN B 270 -6.54 7.06 -5.36
N PHE B 271 -6.66 7.79 -6.47
CA PHE B 271 -6.51 9.22 -6.46
C PHE B 271 -7.62 9.88 -7.26
N ARG B 272 -8.03 11.06 -6.79
CA ARG B 272 -9.02 11.83 -7.48
C ARG B 272 -8.69 13.31 -7.42
N ASN B 273 -8.76 13.97 -8.57
CA ASN B 273 -8.60 15.40 -8.68
C ASN B 273 -10.00 16.04 -8.70
N GLU B 274 -10.64 16.10 -7.50
CA GLU B 274 -12.07 16.38 -7.39
C GLU B 274 -12.31 17.23 -6.12
N GLY B 275 -13.57 17.43 -5.77
CA GLY B 275 -13.83 18.17 -4.54
C GLY B 275 -13.68 17.25 -3.32
N ILE B 276 -13.47 17.89 -2.18
CA ILE B 276 -13.37 17.24 -0.89
C ILE B 276 -14.65 17.50 -0.10
N ASP B 277 -15.13 16.46 0.59
CA ASP B 277 -16.30 16.64 1.45
C ASP B 277 -16.25 15.57 2.54
N LEU B 278 -17.37 15.35 3.26
CA LEU B 278 -17.34 14.47 4.41
C LEU B 278 -17.02 13.01 4.04
N THR B 279 -17.19 12.62 2.78
CA THR B 279 -16.91 11.26 2.35
C THR B 279 -15.94 11.16 1.19
N HIS B 280 -15.21 12.26 0.84
CA HIS B 280 -14.28 12.23 -0.26
C HIS B 280 -12.98 12.97 0.11
N ASN B 281 -11.87 12.27 -0.03
CA ASN B 281 -10.52 12.84 0.10
C ASN B 281 -9.81 12.62 -1.22
N PRO B 282 -8.73 13.39 -1.57
CA PRO B 282 -8.12 13.19 -2.87
C PRO B 282 -7.30 11.95 -3.06
N GLU B 283 -6.96 11.29 -1.96
CA GLU B 283 -6.42 9.94 -1.98
C GLU B 283 -7.25 9.14 -0.98
N PHE B 284 -7.48 7.90 -1.30
CA PHE B 284 -8.19 6.99 -0.43
C PHE B 284 -7.68 5.59 -0.63
N THR B 285 -8.00 4.71 0.34
CA THR B 285 -7.56 3.34 0.32
C THR B 285 -8.73 2.43 -0.10
N SER B 286 -8.53 1.65 -1.17
CA SER B 286 -9.53 0.70 -1.59
C SER B 286 -8.85 -0.67 -1.75
N VAL B 287 -9.68 -1.71 -1.65
CA VAL B 287 -9.21 -3.00 -2.08
C VAL B 287 -10.02 -3.35 -3.30
N GLU B 288 -9.34 -3.84 -4.36
CA GLU B 288 -10.02 -4.42 -5.50
C GLU B 288 -9.54 -5.86 -5.60
N PHE B 289 -10.46 -6.77 -5.89
CA PHE B 289 -10.08 -8.13 -6.29
C PHE B 289 -10.75 -8.53 -7.61
N TYR B 290 -10.13 -9.52 -8.24
CA TYR B 290 -10.51 -10.17 -9.52
C TYR B 290 -10.42 -11.69 -9.31
N MET B 291 -11.55 -12.39 -9.47
CA MET B 291 -11.66 -13.81 -9.23
C MET B 291 -12.17 -14.48 -10.51
N ALA B 292 -11.32 -15.31 -11.16
CA ALA B 292 -11.75 -16.07 -12.32
C ALA B 292 -12.92 -16.97 -11.87
N TYR B 293 -13.88 -17.04 -12.75
CA TYR B 293 -15.00 -17.99 -12.67
C TYR B 293 -16.13 -17.51 -11.76
N ALA B 294 -16.00 -16.39 -11.11
CA ALA B 294 -17.05 -15.75 -10.34
C ALA B 294 -17.94 -14.90 -11.24
N ASP B 295 -19.24 -14.86 -10.94
CA ASP B 295 -20.13 -13.81 -11.45
C ASP B 295 -20.60 -12.88 -10.33
N TYR B 296 -21.43 -11.91 -10.67
CA TYR B 296 -21.78 -10.86 -9.69
C TYR B 296 -22.62 -11.45 -8.57
N TYR B 297 -23.37 -12.53 -8.80
CA TYR B 297 -24.08 -13.21 -7.73
C TYR B 297 -23.13 -13.76 -6.67
N ASP B 298 -22.02 -14.38 -7.12
CA ASP B 298 -20.95 -14.81 -6.23
C ASP B 298 -20.38 -13.63 -5.47
N LEU B 299 -20.17 -12.51 -6.15
CA LEU B 299 -19.58 -11.35 -5.51
C LEU B 299 -20.52 -10.75 -4.45
N MET B 300 -21.86 -10.76 -4.64
CA MET B 300 -22.75 -10.27 -3.61
C MET B 300 -22.58 -11.14 -2.35
N ASP B 301 -22.53 -12.47 -2.55
CA ASP B 301 -22.41 -13.40 -1.43
C ASP B 301 -21.11 -13.14 -0.66
N LEU B 302 -20.01 -12.93 -1.39
CA LEU B 302 -18.73 -12.65 -0.75
C LEU B 302 -18.79 -11.34 0.03
N THR B 303 -19.38 -10.30 -0.59
CA THR B 303 -19.52 -8.99 0.03
C THR B 303 -20.20 -9.13 1.39
N GLU B 304 -21.37 -9.80 1.42
CA GLU B 304 -22.08 -10.01 2.65
C GLU B 304 -21.20 -10.71 3.69
N GLU B 305 -20.53 -11.77 3.30
CA GLU B 305 -19.75 -12.56 4.23
C GLU B 305 -18.58 -11.74 4.80
N LEU B 306 -17.87 -11.03 3.94
CA LEU B 306 -16.70 -10.28 4.40
C LEU B 306 -17.15 -9.17 5.33
N ILE B 307 -18.11 -8.34 4.90
CA ILE B 307 -18.45 -7.14 5.66
C ILE B 307 -19.20 -7.52 6.92
N SER B 308 -20.21 -8.41 6.86
CA SER B 308 -20.89 -8.81 8.07
C SER B 308 -19.93 -9.47 9.07
N GLY B 309 -18.97 -10.28 8.58
CA GLY B 309 -17.97 -10.92 9.43
C GLY B 309 -17.10 -9.89 10.14
N LEU B 310 -16.67 -8.84 9.42
CA LEU B 310 -15.85 -7.79 10.01
C LEU B 310 -16.64 -6.97 11.03
N VAL B 311 -17.91 -6.67 10.72
CA VAL B 311 -18.76 -5.98 11.66
C VAL B 311 -18.87 -6.81 12.93
N LEU B 312 -19.13 -8.13 12.80
CA LEU B 312 -19.32 -8.98 13.98
C LEU B 312 -18.06 -9.06 14.81
N GLU B 313 -16.91 -9.13 14.13
CA GLU B 313 -15.62 -9.18 14.79
C GLU B 313 -15.43 -7.96 15.68
N ILE B 314 -15.75 -6.77 15.16
CA ILE B 314 -15.43 -5.56 15.88
C ILE B 314 -16.50 -5.27 16.92
N HIS B 315 -17.79 -5.52 16.61
CA HIS B 315 -18.89 -5.04 17.41
C HIS B 315 -19.60 -6.12 18.24
N GLY B 316 -19.43 -7.38 17.87
CA GLY B 316 -20.08 -8.49 18.56
C GLY B 316 -21.56 -8.63 18.24
N SER B 317 -22.06 -7.83 17.29
CA SER B 317 -23.44 -7.86 16.82
C SER B 317 -23.41 -7.42 15.35
N LEU B 318 -24.48 -7.73 14.62
CA LEU B 318 -24.65 -7.17 13.28
C LEU B 318 -25.38 -5.84 13.28
N LYS B 319 -25.83 -5.34 14.45
CA LYS B 319 -26.55 -4.09 14.58
C LYS B 319 -25.65 -3.12 15.34
N ILE B 320 -25.31 -2.02 14.68
CA ILE B 320 -24.30 -1.12 15.21
C ILE B 320 -24.83 0.32 15.21
N PRO B 321 -24.30 1.14 16.15
CA PRO B 321 -24.70 2.52 16.25
C PRO B 321 -24.02 3.40 15.22
N TYR B 322 -24.73 4.44 14.82
CA TYR B 322 -24.12 5.44 13.96
C TYR B 322 -24.72 6.81 14.25
N HIS B 323 -23.87 7.84 14.16
CA HIS B 323 -24.25 9.23 14.37
C HIS B 323 -24.13 10.01 13.07
N PRO B 324 -25.19 10.07 12.27
CA PRO B 324 -25.07 10.59 10.90
C PRO B 324 -24.71 12.05 10.87
N ASP B 325 -25.04 12.79 11.94
CA ASP B 325 -24.84 14.23 11.98
C ASP B 325 -23.80 14.58 13.05
N GLY B 326 -22.95 13.63 13.38
CA GLY B 326 -21.91 13.86 14.37
C GLY B 326 -22.40 13.58 15.79
N PRO B 327 -21.47 13.62 16.76
CA PRO B 327 -21.69 13.08 18.10
C PRO B 327 -22.67 13.92 18.93
N GLU B 328 -22.98 15.13 18.43
CA GLU B 328 -23.99 15.97 19.06
C GLU B 328 -25.37 15.71 18.49
N GLY B 329 -25.49 14.88 17.43
CA GLY B 329 -26.78 14.59 16.83
C GLY B 329 -27.36 13.25 17.31
N LYS B 330 -28.43 12.83 16.64
CA LYS B 330 -29.09 11.58 16.97
C LYS B 330 -28.19 10.38 16.65
N CYS B 331 -28.56 9.26 17.25
CA CYS B 331 -27.94 7.98 17.04
C CYS B 331 -28.95 7.05 16.41
N ILE B 332 -28.57 6.49 15.22
CA ILE B 332 -29.37 5.46 14.59
C ILE B 332 -28.71 4.09 14.74
N GLU B 333 -29.41 3.05 14.26
CA GLU B 333 -28.87 1.72 14.19
C GLU B 333 -28.76 1.28 12.72
N ILE B 334 -27.58 0.76 12.34
CA ILE B 334 -27.38 0.10 11.04
C ILE B 334 -27.37 -1.40 11.24
N ASP B 335 -28.21 -2.09 10.44
CA ASP B 335 -28.40 -3.51 10.60
C ASP B 335 -27.77 -4.24 9.43
N PHE B 336 -26.70 -5.00 9.69
CA PHE B 336 -25.97 -5.80 8.71
C PHE B 336 -26.46 -7.25 8.60
N THR B 337 -27.64 -7.57 9.16
CA THR B 337 -28.16 -8.93 9.04
C THR B 337 -28.39 -9.24 7.55
N THR B 338 -28.00 -10.46 7.16
CA THR B 338 -28.20 -10.92 5.80
C THR B 338 -29.53 -11.70 5.71
N PRO B 339 -30.10 -11.90 4.50
CA PRO B 339 -29.65 -11.29 3.24
C PRO B 339 -29.93 -9.79 3.15
N TRP B 340 -29.00 -9.02 2.57
CA TRP B 340 -29.23 -7.61 2.39
C TRP B 340 -30.22 -7.35 1.25
N LYS B 341 -30.85 -6.19 1.38
CA LYS B 341 -31.78 -5.69 0.39
C LYS B 341 -31.13 -5.52 -0.98
N ARG B 342 -31.84 -5.97 -2.02
CA ARG B 342 -31.48 -5.63 -3.38
C ARG B 342 -32.52 -4.66 -3.96
N PHE B 343 -32.02 -3.59 -4.58
CA PHE B 343 -32.85 -2.75 -5.42
C PHE B 343 -32.39 -2.81 -6.88
N SER B 344 -33.33 -3.00 -7.79
CA SER B 344 -33.03 -3.02 -9.23
C SER B 344 -33.05 -1.60 -9.79
N PHE B 345 -31.91 -1.16 -10.36
CA PHE B 345 -31.67 0.23 -10.66
C PHE B 345 -32.84 0.92 -11.39
N VAL B 346 -33.18 0.46 -12.60
CA VAL B 346 -34.20 1.14 -13.37
C VAL B 346 -35.58 1.01 -12.74
N GLU B 347 -35.93 -0.16 -12.22
CA GLU B 347 -37.26 -0.38 -11.64
C GLU B 347 -37.49 0.59 -10.46
N GLU B 348 -36.45 0.83 -9.65
CA GLU B 348 -36.59 1.73 -8.51
C GLU B 348 -36.67 3.20 -8.93
N ILE B 349 -35.95 3.61 -9.98
CA ILE B 349 -36.15 4.92 -10.55
C ILE B 349 -37.63 5.08 -10.99
N GLU B 350 -38.13 4.10 -11.71
CA GLU B 350 -39.50 4.15 -12.27
C GLU B 350 -40.57 4.18 -11.17
N SER B 351 -40.36 3.42 -10.09
CA SER B 351 -41.17 3.50 -8.88
C SER B 351 -41.13 4.91 -8.30
N GLY B 352 -39.96 5.59 -8.34
CA GLY B 352 -39.91 6.93 -7.81
C GLY B 352 -40.63 7.94 -8.69
N LEU B 353 -40.54 7.79 -10.02
CA LEU B 353 -41.07 8.71 -11.01
C LEU B 353 -42.58 8.50 -11.11
N GLY B 354 -43.06 7.30 -10.84
CA GLY B 354 -44.43 7.00 -11.22
C GLY B 354 -44.67 6.96 -12.72
N GLU B 355 -43.64 6.61 -13.50
CA GLU B 355 -43.70 6.49 -14.94
C GLU B 355 -42.41 5.82 -15.41
N LYS B 356 -42.46 5.28 -16.62
CA LYS B 356 -41.36 4.49 -17.17
C LYS B 356 -40.40 5.38 -17.97
N LEU B 357 -39.12 5.05 -17.88
CA LEU B 357 -38.14 5.63 -18.76
C LEU B 357 -38.40 5.20 -20.21
N LYS B 358 -37.93 6.01 -21.15
CA LYS B 358 -38.05 5.66 -22.56
C LYS B 358 -36.96 4.68 -22.98
N ARG B 359 -37.27 3.86 -23.97
CA ARG B 359 -36.33 2.86 -24.47
C ARG B 359 -36.02 3.12 -25.94
N PRO B 360 -34.77 2.91 -26.41
CA PRO B 360 -33.63 2.54 -25.55
C PRO B 360 -33.26 3.65 -24.56
N LEU B 361 -32.60 3.26 -23.46
CA LEU B 361 -32.27 4.19 -22.39
C LEU B 361 -31.24 5.23 -22.84
N ASP B 362 -30.47 4.92 -23.88
CA ASP B 362 -29.46 5.86 -24.37
C ASP B 362 -29.93 6.63 -25.60
N SER B 363 -31.21 6.52 -25.94
CA SER B 363 -31.74 7.30 -27.06
C SER B 363 -31.84 8.77 -26.70
N GLN B 364 -31.80 9.65 -27.73
CA GLN B 364 -32.05 11.06 -27.49
C GLN B 364 -33.42 11.25 -26.86
N GLU B 365 -34.42 10.46 -27.26
CA GLU B 365 -35.74 10.58 -26.66
C GLU B 365 -35.67 10.38 -25.15
N ASN B 366 -34.93 9.34 -24.71
CA ASN B 366 -34.82 9.10 -23.27
C ASN B 366 -33.94 10.14 -22.57
N ILE B 367 -32.90 10.65 -23.23
CA ILE B 367 -32.15 11.73 -22.63
C ILE B 367 -33.03 12.94 -22.35
N ASP B 368 -33.81 13.35 -23.39
CA ASP B 368 -34.69 14.49 -23.20
C ASP B 368 -35.71 14.23 -22.09
N PHE B 369 -36.27 13.03 -22.03
CA PHE B 369 -37.23 12.65 -21.01
C PHE B 369 -36.62 12.69 -19.62
N MET B 370 -35.38 12.23 -19.47
CA MET B 370 -34.71 12.30 -18.19
C MET B 370 -34.38 13.73 -17.77
N VAL B 371 -34.07 14.62 -18.73
CA VAL B 371 -33.95 16.02 -18.41
C VAL B 371 -35.27 16.60 -17.92
N GLU B 372 -36.38 16.27 -18.61
CA GLU B 372 -37.69 16.68 -18.14
C GLU B 372 -37.95 16.17 -16.73
N MET B 373 -37.62 14.92 -16.43
CA MET B 373 -37.87 14.39 -15.10
C MET B 373 -37.02 15.05 -14.02
N CYS B 374 -35.75 15.41 -14.37
CA CYS B 374 -34.92 16.13 -13.43
C CYS B 374 -35.54 17.48 -13.10
N GLU B 375 -36.06 18.17 -14.11
CA GLU B 375 -36.65 19.48 -13.91
C GLU B 375 -37.89 19.33 -13.05
N LYS B 376 -38.72 18.33 -13.35
CA LYS B 376 -39.95 18.13 -12.62
C LYS B 376 -39.70 17.87 -11.13
N HIS B 377 -38.65 17.09 -10.81
CA HIS B 377 -38.40 16.64 -9.45
C HIS B 377 -37.30 17.44 -8.73
N GLU B 378 -36.86 18.53 -9.36
CA GLU B 378 -35.86 19.45 -8.81
C GLU B 378 -34.57 18.71 -8.54
N ILE B 379 -34.11 17.95 -9.54
CA ILE B 379 -32.85 17.26 -9.48
C ILE B 379 -31.84 18.08 -10.30
N GLU B 380 -30.70 18.38 -9.72
CA GLU B 380 -29.71 19.16 -10.46
C GLU B 380 -29.21 18.32 -11.64
N LEU B 381 -29.10 18.99 -12.78
CA LEU B 381 -28.68 18.35 -14.00
C LEU B 381 -27.18 18.13 -14.01
N PRO B 382 -26.71 17.03 -14.63
CA PRO B 382 -25.29 16.82 -14.89
C PRO B 382 -24.88 17.66 -16.07
N HIS B 383 -23.55 17.82 -16.24
CA HIS B 383 -23.04 18.36 -17.49
C HIS B 383 -21.84 17.55 -18.00
N PRO B 384 -21.81 17.05 -19.26
CA PRO B 384 -22.88 17.16 -20.25
C PRO B 384 -24.06 16.27 -19.87
N ARG B 385 -25.17 16.46 -20.56
CA ARG B 385 -26.38 15.65 -20.30
C ARG B 385 -26.32 14.35 -21.10
N THR B 386 -25.44 13.43 -20.69
CA THR B 386 -25.37 12.12 -21.32
C THR B 386 -26.42 11.23 -20.64
N ALA B 387 -26.77 10.17 -21.32
CA ALA B 387 -27.75 9.21 -20.78
C ALA B 387 -27.24 8.68 -19.43
N ALA B 388 -25.95 8.33 -19.40
CA ALA B 388 -25.35 7.77 -18.19
C ALA B 388 -25.43 8.75 -17.01
N LYS B 389 -25.01 9.99 -17.23
CA LYS B 389 -25.00 10.97 -16.15
C LYS B 389 -26.39 11.25 -15.63
N LEU B 390 -27.39 11.29 -16.54
CA LEU B 390 -28.76 11.54 -16.14
C LEU B 390 -29.31 10.38 -15.34
N LEU B 391 -28.99 9.18 -15.75
CA LEU B 391 -29.42 7.99 -15.00
C LEU B 391 -28.83 8.04 -13.59
N ASP B 392 -27.55 8.47 -13.48
CA ASP B 392 -26.90 8.52 -12.20
C ASP B 392 -27.57 9.54 -11.28
N LYS B 393 -27.95 10.70 -11.81
CA LYS B 393 -28.63 11.72 -11.03
C LYS B 393 -29.96 11.15 -10.54
N LEU B 394 -30.69 10.46 -11.40
CA LEU B 394 -31.97 9.87 -11.02
C LEU B 394 -31.81 8.82 -9.93
N ALA B 395 -30.78 7.97 -10.06
CA ALA B 395 -30.53 6.94 -9.05
C ALA B 395 -30.16 7.60 -7.70
N GLY B 396 -29.28 8.62 -7.76
CA GLY B 396 -28.91 9.33 -6.57
C GLY B 396 -30.11 9.93 -5.84
N HIS B 397 -31.14 10.38 -6.58
CA HIS B 397 -32.28 11.00 -5.94
C HIS B 397 -33.27 9.94 -5.43
N PHE B 398 -33.51 8.90 -6.22
CA PHE B 398 -34.64 8.00 -5.96
C PHE B 398 -34.21 6.68 -5.33
N VAL B 399 -32.95 6.28 -5.44
CA VAL B 399 -32.60 4.93 -5.06
C VAL B 399 -31.56 4.95 -3.95
N GLU B 400 -30.49 5.76 -4.09
CA GLU B 400 -29.46 5.74 -3.07
C GLU B 400 -30.02 6.23 -1.73
N THR B 401 -31.03 7.10 -1.81
CA THR B 401 -31.69 7.65 -0.63
C THR B 401 -32.49 6.58 0.12
N LYS B 402 -32.73 5.42 -0.47
CA LYS B 402 -33.46 4.36 0.22
C LYS B 402 -32.52 3.40 0.93
N CYS B 403 -31.21 3.63 0.82
CA CYS B 403 -30.23 2.64 1.24
C CYS B 403 -29.66 3.05 2.61
N THR B 404 -30.39 2.70 3.67
CA THR B 404 -29.91 3.01 5.01
C THR B 404 -29.05 1.85 5.49
N ASN B 405 -29.67 0.70 5.75
CA ASN B 405 -28.94 -0.51 5.98
C ASN B 405 -28.22 -0.92 4.70
N PRO B 406 -27.14 -1.73 4.76
CA PRO B 406 -26.42 -2.18 3.57
C PRO B 406 -27.44 -2.67 2.55
N SER B 407 -27.39 -2.05 1.36
CA SER B 407 -28.28 -2.45 0.26
C SER B 407 -27.53 -2.46 -1.06
N PHE B 408 -27.81 -3.47 -1.88
CA PHE B 408 -27.26 -3.55 -3.21
C PHE B 408 -28.18 -2.83 -4.18
N ILE B 409 -27.63 -1.90 -4.94
CA ILE B 409 -28.27 -1.45 -6.16
C ILE B 409 -27.69 -2.30 -7.31
N ILE B 410 -28.58 -2.94 -8.07
CA ILE B 410 -28.14 -3.93 -9.08
C ILE B 410 -28.62 -3.56 -10.48
N ASP B 411 -27.96 -4.21 -11.43
CA ASP B 411 -28.38 -4.29 -12.82
C ASP B 411 -28.42 -2.94 -13.49
N HIS B 412 -27.33 -2.18 -13.32
CA HIS B 412 -27.13 -0.90 -13.97
C HIS B 412 -27.20 -1.01 -15.48
N PRO B 413 -27.80 -0.01 -16.16
CA PRO B 413 -27.66 0.12 -17.60
C PRO B 413 -26.21 0.05 -18.14
N GLN B 414 -26.06 -0.69 -19.26
CA GLN B 414 -24.80 -0.69 -19.97
C GLN B 414 -24.26 0.70 -20.24
N THR B 415 -25.09 1.65 -20.65
CA THR B 415 -24.58 2.96 -21.06
C THR B 415 -23.78 3.65 -19.95
N MET B 416 -23.99 3.31 -18.66
CA MET B 416 -23.24 3.88 -17.56
C MET B 416 -22.18 2.91 -16.99
N SER B 417 -21.93 1.79 -17.68
CA SER B 417 -21.20 0.65 -17.11
C SER B 417 -20.28 0.08 -18.16
N PRO B 418 -19.27 0.86 -18.69
CA PRO B 418 -18.54 0.40 -19.84
C PRO B 418 -17.67 -0.83 -19.70
N LEU B 419 -17.40 -1.26 -18.43
CA LEU B 419 -16.55 -2.42 -18.21
C LEU B 419 -17.31 -3.61 -17.65
N ALA B 420 -18.63 -3.46 -17.51
CA ALA B 420 -19.50 -4.52 -16.98
C ALA B 420 -20.13 -5.33 -18.12
N LYS B 421 -20.22 -6.64 -17.90
CA LYS B 421 -20.75 -7.55 -18.90
C LYS B 421 -22.29 -7.44 -18.95
N TRP B 422 -22.79 -7.48 -20.17
CA TRP B 422 -24.23 -7.43 -20.42
C TRP B 422 -24.94 -8.44 -19.55
N HIS B 423 -26.15 -8.05 -19.17
CA HIS B 423 -26.97 -8.90 -18.30
C HIS B 423 -27.44 -10.10 -19.08
N ARG B 424 -27.36 -11.27 -18.46
CA ARG B 424 -27.69 -12.50 -19.16
C ARG B 424 -29.20 -12.58 -19.44
N GLU B 425 -30.05 -11.79 -18.77
CA GLU B 425 -31.50 -11.84 -19.01
C GLU B 425 -32.10 -10.51 -19.49
N LYS B 426 -31.63 -9.38 -18.93
CA LYS B 426 -32.30 -8.09 -19.02
C LYS B 426 -31.68 -7.22 -20.10
N PRO B 427 -32.42 -6.93 -21.18
CA PRO B 427 -31.90 -6.05 -22.22
C PRO B 427 -31.43 -4.73 -21.69
N GLU B 428 -30.28 -4.28 -22.24
CA GLU B 428 -29.71 -2.98 -21.99
C GLU B 428 -29.02 -2.85 -20.62
N MET B 429 -29.13 -3.86 -19.76
CA MET B 429 -28.58 -3.83 -18.40
C MET B 429 -27.26 -4.60 -18.38
N THR B 430 -26.59 -4.55 -17.22
CA THR B 430 -25.36 -5.27 -16.98
C THR B 430 -25.46 -6.06 -15.66
N GLU B 431 -24.49 -6.93 -15.46
CA GLU B 431 -24.34 -7.67 -14.21
C GLU B 431 -23.45 -6.88 -13.25
N ARG B 432 -24.02 -5.81 -12.69
CA ARG B 432 -23.29 -4.90 -11.86
C ARG B 432 -24.07 -4.68 -10.57
N PHE B 433 -23.33 -4.44 -9.50
CA PHE B 433 -23.93 -3.87 -8.30
C PHE B 433 -23.04 -2.83 -7.69
N GLU B 434 -23.69 -1.94 -6.91
CA GLU B 434 -23.04 -1.08 -5.95
C GLU B 434 -23.68 -1.36 -4.59
N LEU B 435 -22.81 -1.36 -3.58
CA LEU B 435 -23.21 -1.42 -2.20
C LEU B 435 -23.27 -0.02 -1.61
N PHE B 436 -24.40 0.32 -1.06
CA PHE B 436 -24.61 1.57 -0.31
C PHE B 436 -24.95 1.27 1.13
N VAL B 437 -24.39 2.12 2.01
CA VAL B 437 -24.70 2.20 3.43
C VAL B 437 -24.99 3.66 3.74
N LEU B 438 -26.12 3.93 4.37
CA LEU B 438 -26.55 5.29 4.65
C LEU B 438 -26.36 6.19 3.44
N GLY B 439 -26.71 5.66 2.25
CA GLY B 439 -26.69 6.43 1.03
C GLY B 439 -25.28 6.76 0.54
N LYS B 440 -24.26 6.11 1.09
CA LYS B 440 -22.87 6.34 0.71
C LYS B 440 -22.34 5.08 0.01
N GLU B 441 -21.62 5.28 -1.09
CA GLU B 441 -21.09 4.16 -1.87
C GLU B 441 -19.92 3.49 -1.16
N LEU B 442 -20.06 2.17 -0.88
CA LEU B 442 -18.99 1.38 -0.30
C LEU B 442 -18.31 0.47 -1.34
N CYS B 443 -19.10 -0.14 -2.23
CA CYS B 443 -18.59 -1.12 -3.20
C CYS B 443 -19.15 -0.86 -4.59
N ASN B 444 -18.38 -1.30 -5.60
CA ASN B 444 -18.76 -1.28 -7.00
C ASN B 444 -18.17 -2.57 -7.56
N ALA B 445 -18.97 -3.36 -8.28
CA ALA B 445 -18.57 -4.71 -8.66
C ALA B 445 -19.37 -5.19 -9.88
N TYR B 446 -18.81 -6.12 -10.64
CA TYR B 446 -19.57 -6.63 -11.79
C TYR B 446 -18.96 -7.93 -12.30
N THR B 447 -19.84 -8.73 -12.95
CA THR B 447 -19.36 -9.72 -13.92
C THR B 447 -18.58 -8.99 -15.02
N GLU B 448 -17.26 -9.29 -15.17
CA GLU B 448 -16.41 -8.45 -15.99
C GLU B 448 -16.70 -8.64 -17.48
N LEU B 449 -16.73 -7.54 -18.22
CA LEU B 449 -16.82 -7.68 -19.68
C LEU B 449 -15.58 -8.36 -20.21
N ASN B 450 -15.75 -9.44 -20.97
CA ASN B 450 -14.63 -10.21 -21.53
C ASN B 450 -14.71 -10.36 -23.03
N GLU B 451 -15.59 -9.55 -23.67
CA GLU B 451 -15.84 -9.70 -25.12
C GLU B 451 -15.24 -8.47 -25.78
N PRO B 452 -14.14 -8.62 -26.52
CA PRO B 452 -13.36 -7.45 -26.96
C PRO B 452 -14.02 -6.49 -27.95
N LEU B 453 -14.97 -6.96 -28.73
CA LEU B 453 -15.59 -6.11 -29.75
C LEU B 453 -16.46 -5.08 -29.01
N GLN B 454 -17.37 -5.54 -28.15
CA GLN B 454 -18.17 -4.64 -27.33
C GLN B 454 -17.31 -3.77 -26.46
N GLN B 455 -16.26 -4.32 -25.86
CA GLN B 455 -15.41 -3.54 -24.99
C GLN B 455 -14.83 -2.35 -25.76
N ARG B 456 -14.39 -2.59 -26.98
CA ARG B 456 -13.83 -1.49 -27.78
C ARG B 456 -14.91 -0.46 -28.08
N LYS B 457 -16.13 -0.90 -28.35
CA LYS B 457 -17.21 0.01 -28.67
C LYS B 457 -17.52 0.88 -27.47
N PHE B 458 -17.56 0.27 -26.27
CA PHE B 458 -17.88 1.05 -25.10
C PHE B 458 -16.78 2.08 -24.81
N PHE B 459 -15.53 1.71 -25.00
CA PHE B 459 -14.40 2.63 -24.85
C PHE B 459 -14.52 3.78 -25.82
N GLU B 460 -14.88 3.48 -27.10
CA GLU B 460 -15.15 4.56 -28.05
C GLU B 460 -16.21 5.52 -27.51
N GLN B 461 -17.35 4.98 -26.98
CA GLN B 461 -18.39 5.82 -26.43
C GLN B 461 -17.89 6.67 -25.27
N GLN B 462 -17.02 6.13 -24.41
CA GLN B 462 -16.45 6.86 -23.31
CA GLN B 462 -16.44 6.86 -23.29
C GLN B 462 -15.57 8.00 -23.86
N ALA B 463 -14.78 7.72 -24.87
CA ALA B 463 -13.87 8.74 -25.46
C ALA B 463 -14.71 9.84 -26.09
N ASP B 464 -15.86 9.47 -26.68
CA ASP B 464 -16.78 10.44 -27.27
C ASP B 464 -17.38 11.31 -26.17
N ALA B 465 -17.80 10.69 -25.06
CA ALA B 465 -18.28 11.46 -23.92
C ALA B 465 -17.23 12.47 -23.45
N LYS B 466 -16.00 12.01 -23.27
CA LYS B 466 -14.90 12.85 -22.88
C LYS B 466 -14.79 14.06 -23.83
N ALA B 467 -14.84 13.79 -25.12
CA ALA B 467 -14.71 14.85 -26.12
C ALA B 467 -15.87 15.83 -26.06
N SER B 468 -17.08 15.38 -25.70
CA SER B 468 -18.24 16.23 -25.50
C SER B 468 -18.22 17.00 -24.18
N GLY B 469 -17.16 16.83 -23.31
CA GLY B 469 -17.11 17.60 -22.07
C GLY B 469 -17.20 16.84 -20.75
N ASP B 470 -17.36 15.50 -20.82
CA ASP B 470 -17.49 14.68 -19.61
C ASP B 470 -16.11 14.48 -19.02
N VAL B 471 -15.87 15.16 -17.91
CA VAL B 471 -14.55 15.21 -17.28
C VAL B 471 -14.28 13.95 -16.46
N GLU B 472 -15.29 13.09 -16.33
CA GLU B 472 -15.15 11.81 -15.65
C GLU B 472 -15.04 10.62 -16.60
N ALA B 473 -15.17 10.80 -17.92
CA ALA B 473 -15.04 9.73 -18.91
C ALA B 473 -13.59 9.46 -19.28
N CYS B 474 -13.23 8.18 -19.50
CA CYS B 474 -11.82 7.84 -19.68
C CYS B 474 -11.50 7.65 -21.16
N PRO B 475 -10.26 7.95 -21.58
CA PRO B 475 -9.78 7.66 -22.93
C PRO B 475 -9.65 6.17 -23.20
N ILE B 476 -9.58 5.82 -24.49
CA ILE B 476 -9.47 4.43 -24.88
C ILE B 476 -8.08 3.92 -24.50
N ASP B 477 -8.05 2.67 -24.00
CA ASP B 477 -6.83 1.97 -23.70
C ASP B 477 -6.68 0.76 -24.61
N GLU B 478 -5.92 0.96 -25.66
CA GLU B 478 -5.64 -0.09 -26.64
C GLU B 478 -4.96 -1.30 -26.01
N THR B 479 -4.09 -1.04 -25.03
CA THR B 479 -3.29 -2.07 -24.40
C THR B 479 -4.27 -3.03 -23.73
N PHE B 480 -5.33 -2.50 -23.12
CA PHE B 480 -6.33 -3.35 -22.44
C PHE B 480 -7.12 -4.18 -23.46
N CYS B 481 -7.56 -3.56 -24.55
CA CYS B 481 -8.34 -4.27 -25.56
C CYS B 481 -7.50 -5.42 -26.14
N LEU B 482 -6.20 -5.19 -26.35
CA LEU B 482 -5.32 -6.23 -26.86
C LEU B 482 -5.20 -7.36 -25.81
N ALA B 483 -5.14 -7.02 -24.52
CA ALA B 483 -5.16 -8.05 -23.51
C ALA B 483 -6.45 -8.89 -23.57
N LEU B 484 -7.60 -8.26 -23.78
CA LEU B 484 -8.85 -9.01 -23.86
C LEU B 484 -8.81 -9.96 -25.06
N GLU B 485 -8.16 -9.54 -26.13
CA GLU B 485 -8.05 -10.41 -27.29
C GLU B 485 -7.26 -11.69 -27.01
N HIS B 486 -6.50 -11.75 -25.89
CA HIS B 486 -5.80 -12.96 -25.51
C HIS B 486 -6.68 -13.88 -24.65
N GLY B 487 -7.87 -13.42 -24.26
CA GLY B 487 -8.88 -14.28 -23.60
C GLY B 487 -8.87 -14.09 -22.07
N LEU B 488 -9.77 -13.23 -21.62
CA LEU B 488 -10.03 -13.03 -20.20
C LEU B 488 -11.04 -14.09 -19.82
N PRO B 489 -10.69 -15.04 -18.92
CA PRO B 489 -11.70 -15.99 -18.49
C PRO B 489 -12.93 -15.28 -17.97
N PRO B 490 -14.12 -15.92 -17.93
CA PRO B 490 -15.18 -15.29 -17.20
C PRO B 490 -14.66 -15.02 -15.78
N THR B 491 -14.95 -13.81 -15.29
CA THR B 491 -14.39 -13.26 -14.07
C THR B 491 -15.37 -12.32 -13.39
N GLY B 492 -15.28 -12.28 -12.07
CA GLY B 492 -15.96 -11.28 -11.26
C GLY B 492 -14.93 -10.38 -10.59
N GLY B 493 -15.17 -9.07 -10.62
CA GLY B 493 -14.30 -8.11 -9.97
C GLY B 493 -15.12 -7.14 -9.14
N TRP B 494 -14.42 -6.50 -8.22
CA TRP B 494 -15.02 -5.82 -7.08
C TRP B 494 -14.05 -4.83 -6.45
N GLY B 495 -14.61 -3.73 -5.90
CA GLY B 495 -13.80 -2.80 -5.16
C GLY B 495 -14.61 -2.29 -3.94
N LEU B 496 -13.90 -2.04 -2.85
CA LEU B 496 -14.39 -1.52 -1.57
C LEU B 496 -13.58 -0.31 -1.18
N GLY B 497 -14.30 0.78 -0.81
CA GLY B 497 -13.68 1.96 -0.24
C GLY B 497 -13.48 1.73 1.28
N ILE B 498 -12.24 1.44 1.67
CA ILE B 498 -11.98 0.97 3.01
C ILE B 498 -12.26 2.11 4.00
N ASP B 499 -11.79 3.33 3.69
CA ASP B 499 -11.98 4.45 4.60
C ASP B 499 -13.45 4.60 4.96
N ARG B 500 -14.31 4.56 3.95
CA ARG B 500 -15.74 4.74 4.17
C ARG B 500 -16.29 3.63 5.06
N LEU B 501 -15.80 2.42 4.88
CA LEU B 501 -16.23 1.32 5.74
C LEU B 501 -15.80 1.66 7.18
N ILE B 502 -14.56 2.15 7.37
CA ILE B 502 -14.08 2.45 8.70
C ILE B 502 -14.91 3.54 9.35
N MET B 503 -15.43 4.51 8.59
CA MET B 503 -16.33 5.54 9.10
C MET B 503 -17.52 4.84 9.79
N PHE B 504 -18.07 3.84 9.13
CA PHE B 504 -19.18 3.11 9.76
C PHE B 504 -18.72 2.29 10.95
N LEU B 505 -17.61 1.55 10.82
CA LEU B 505 -17.13 0.69 11.89
C LEU B 505 -16.78 1.48 13.16
N ALA B 506 -16.17 2.68 13.00
CA ALA B 506 -15.67 3.48 14.08
C ALA B 506 -16.69 4.53 14.49
N ASP B 507 -17.84 4.63 13.78
CA ASP B 507 -18.87 5.65 13.99
C ASP B 507 -18.28 7.06 13.91
N LYS B 508 -17.83 7.42 12.70
CA LYS B 508 -17.50 8.79 12.36
C LYS B 508 -18.23 9.20 11.10
N ASN B 509 -18.64 10.46 11.03
CA ASN B 509 -19.37 10.98 9.87
C ASN B 509 -18.50 11.89 9.03
N ASN B 510 -17.22 12.04 9.36
CA ASN B 510 -16.29 12.88 8.63
C ASN B 510 -15.03 12.05 8.33
N ILE B 511 -14.72 11.91 7.04
CA ILE B 511 -13.54 11.22 6.53
C ILE B 511 -12.28 11.73 7.25
N LYS B 512 -12.28 12.99 7.69
CA LYS B 512 -11.08 13.54 8.34
C LYS B 512 -10.78 12.83 9.66
N GLU B 513 -11.75 12.12 10.24
CA GLU B 513 -11.55 11.43 11.49
C GLU B 513 -10.84 10.08 11.31
N VAL B 514 -10.83 9.52 10.09
CA VAL B 514 -10.32 8.18 9.89
C VAL B 514 -9.06 8.10 9.05
N LEU B 515 -8.49 9.27 8.72
CA LEU B 515 -7.22 9.44 8.01
C LEU B 515 -6.30 10.20 8.94
N LEU B 516 -5.05 9.72 9.07
CA LEU B 516 -4.10 10.40 9.95
C LEU B 516 -3.89 11.85 9.51
N PHE B 517 -3.76 12.07 8.21
CA PHE B 517 -3.39 13.38 7.71
C PHE B 517 -4.31 13.72 6.54
N PRO B 518 -5.61 14.00 6.83
CA PRO B 518 -6.56 14.33 5.77
C PRO B 518 -6.23 15.62 5.05
N ALA B 519 -6.67 15.71 3.77
CA ALA B 519 -6.50 16.97 3.02
C ALA B 519 -7.34 18.08 3.65
N MET B 520 -6.70 19.26 3.75
CA MET B 520 -7.28 20.43 4.40
C MET B 520 -7.13 21.61 3.42
N ARG B 521 -8.19 22.43 3.29
CA ARG B 521 -8.16 23.71 2.57
C ARG B 521 -7.03 24.61 3.10
N ASN B 522 -6.45 25.45 2.25
CA ASN B 522 -5.28 26.24 2.66
C ASN B 522 -5.59 27.26 3.76
N LYS C . 13.35 8.30 4.16
CA LYS C . 14.65 7.61 4.01
C LYS C . 14.94 7.40 2.51
O LYS C . 16.10 7.07 2.18
CB LYS C . 14.70 6.32 4.85
CG LYS C . 14.54 6.48 6.35
CD LYS C . 15.76 7.19 6.90
CE LYS C . 15.72 7.26 8.40
NZ LYS C . 14.69 8.11 8.94
OXT LYS C . 13.97 7.62 1.77
C1 A1H4X D . 15.61 4.50 -3.78
C2 A1H4X D . 15.58 3.32 -3.02
C3 A1H4X D . 15.88 2.47 -0.64
C4 A1H4X D . 16.67 2.74 0.65
C5 A1H4X D . 15.69 3.31 1.68
C6 A1H4X D . 14.34 3.53 0.95
C7 A1H4X D . 14.41 2.57 -0.24
C8 A1H4X D . 15.11 2.13 -3.62
C9 A1H4X D . 14.60 2.15 -4.95
C10 A1H4X D . 13.68 1.04 -6.76
C11 A1H4X D . 13.19 -0.24 -7.36
C12 A1H4X D . 14.04 3.29 -7.01
C13 A1H4X D . 14.61 3.36 -5.68
C14 A1H4X D . 15.11 4.51 -5.05
N1 A1H4X D . 16.14 3.37 -1.75
F1 A1H4X D . 16.07 5.65 -3.24
F2 A1H4X D . 15.12 0.96 -2.97
N2 A1H4X D . 14.13 0.99 -5.49
N3 A1H4X D . 13.59 2.14 -7.50
N4 A1H4X D . 13.91 4.39 -7.76
F3 A1H4X D . 15.17 5.68 -5.69
C1 GOL E . 1.28 -23.88 -19.82
O1 GOL E . 2.01 -24.73 -20.70
C2 GOL E . 2.10 -23.49 -18.61
O2 GOL E . 2.81 -24.63 -18.12
C3 GOL E . 3.06 -22.37 -18.93
O3 GOL E . 3.89 -22.10 -17.81
C1 GOL F . 46.50 21.84 -1.96
O1 GOL F . 47.14 21.95 -0.70
C2 GOL F . 45.04 22.14 -1.71
O2 GOL F . 44.68 23.27 -2.49
C3 GOL F . 44.11 20.96 -1.86
O3 GOL F . 42.85 21.38 -2.35
C TRS G . 18.45 8.75 -6.16
C1 TRS G . 17.21 7.91 -5.86
C2 TRS G . 19.56 8.48 -5.13
C3 TRS G . 18.95 8.50 -7.57
N TRS G . 18.04 10.19 -6.11
O1 TRS G . 16.40 8.55 -4.88
O2 TRS G . 19.95 9.65 -4.42
O3 TRS G . 19.90 9.51 -7.92
S SO4 H . 14.99 18.30 -16.85
O1 SO4 H . 15.08 19.02 -18.08
O2 SO4 H . 14.25 19.13 -15.90
O3 SO4 H . 14.27 17.09 -16.95
O4 SO4 H . 16.36 18.06 -16.44
N LYS I . -12.73 0.08 -10.46
CA LYS I . -14.08 0.20 -9.84
C LYS I . -14.24 1.59 -9.17
O LYS I . -15.39 1.92 -8.90
CB LYS I . -14.26 -0.91 -8.82
CG LYS I . -14.17 -2.28 -9.46
CD LYS I . -15.43 -2.58 -10.26
CE LYS I . -15.38 -3.95 -10.85
NZ LYS I . -14.40 -4.34 -11.86
OXT LYS I . -13.24 2.37 -9.09
C1 A1H4X J . -14.64 6.77 -4.56
C2 A1H4X J . -14.83 5.71 -3.69
C3 A1H4X J . -15.33 3.23 -3.61
C4 A1H4X J . -16.20 2.12 -4.23
C5 A1H4X J . -15.28 1.24 -5.04
C6 A1H4X J . -13.92 1.95 -5.05
C7 A1H4X J . -13.90 2.72 -3.76
C8 A1H4X J . -14.47 5.87 -2.33
C9 A1H4X J . -13.81 7.03 -1.90
C10 A1H4X J . -12.84 8.33 -0.24
C11 A1H4X J . -12.45 8.53 1.20
C12 A1H4X J . -12.91 9.25 -2.34
C13 A1H4X J . -13.62 8.10 -2.81
C14 A1H4X J . -13.99 7.88 -4.16
N1 A1H4X J . -15.49 4.57 -4.18
F1 A1H4X J . -15.00 6.65 -5.85
F2 A1H4X J . -14.69 4.89 -1.45
N2 A1H4X J . -13.46 7.20 -0.58
N3 A1H4X J . -12.59 9.38 -1.04
N4 A1H4X J . -12.62 10.29 -3.13
F3 A1H4X J . -13.79 8.82 -5.09
C1 GOL K . -10.28 17.91 -20.35
O1 GOL K . -9.53 18.66 -19.38
C2 GOL K . -10.93 16.61 -19.86
O2 GOL K . -10.91 15.68 -20.92
C3 GOL K . -10.61 16.14 -18.46
O3 GOL K . -10.63 14.73 -18.16
C TRS L . -33.12 -7.98 7.56
C1 TRS L . -32.60 -6.72 8.26
C2 TRS L . -32.09 -8.49 6.57
C3 TRS L . -33.48 -9.09 8.57
N TRS L . -34.35 -7.60 6.80
O1 TRS L . -32.37 -5.68 7.32
O2 TRS L . -32.58 -9.63 5.89
O3 TRS L . -34.26 -8.58 9.63
C TRS M . -16.83 10.66 -8.13
C1 TRS M . -18.09 9.81 -8.29
C2 TRS M . -17.20 12.05 -7.63
C3 TRS M . -15.82 10.00 -7.19
N TRS M . -16.13 10.83 -9.46
O1 TRS M . -18.35 9.52 -9.65
O2 TRS M . -17.90 12.75 -8.64
O3 TRS M . -14.72 9.51 -7.93
#